data_9OEW
#
_entry.id   9OEW
#
_cell.length_a   146.557
_cell.length_b   146.557
_cell.length_c   287.265
_cell.angle_alpha   90.00
_cell.angle_beta   90.00
_cell.angle_gamma   120.00
#
_symmetry.space_group_name_H-M   'H 3 2'
#
loop_
_entity.id
_entity.type
_entity.pdbx_description
1 polymer 'Lysine halogenase'
2 non-polymer LYSINE
3 non-polymer 'SUCCINIC ACID'
4 non-polymer oxovanadium(2+)
5 non-polymer 'CHLORIDE ION'
6 non-polymer 'VANADIUM ION'
7 water water
#
_entity_poly.entity_id   1
_entity_poly.type   'polypeptide(L)'
_entity_poly.pdbx_seq_one_letter_code
;MNVEQIDENLAKFLAERYTPESVAQLADRFHRFGFVKFDAANRLVPDELQTAVREECDLLIEQHKERRNLLLSTTGNTPR
RMSVVKSEEIEKSELISTLSRSEVLLGFLAGITREEIIPEVSSDERYLITHQEFKSDTHGWHWGDYSFALIWALRMPPIE
HGGMLQAVPHTHWDKSNPRINQTLCEREINTHGLESGDLYLLRTDTTLHRTVPLSEDSTRTILVMTWAAKRDLEKDLVGN
DRWWENPEAEAARAVDNA
;
_entity_poly.pdbx_strand_id   A,B,C,D
#
loop_
_chem_comp.id
_chem_comp.type
_chem_comp.name
_chem_comp.formula
CL non-polymer 'CHLORIDE ION' 'Cl -1'
SIN non-polymer 'SUCCINIC ACID' 'C4 H6 O4'
V non-polymer 'VANADIUM ION' 'V 3'
VVO non-polymer oxovanadium(2+) 'O V 2'
#
# COMPACT_ATOMS: atom_id res chain seq x y z
N ASN A 2 14.31 28.26 11.23
CA ASN A 2 13.50 29.39 10.82
C ASN A 2 14.10 30.09 9.59
N VAL A 3 13.36 31.08 9.07
CA VAL A 3 13.81 31.95 7.99
C VAL A 3 13.96 31.17 6.69
N GLU A 4 14.97 31.55 5.88
CA GLU A 4 15.18 30.95 4.57
C GLU A 4 15.69 29.51 4.63
N GLN A 5 16.07 29.03 5.82
CA GLN A 5 16.45 27.63 5.95
C GLN A 5 15.26 26.69 5.74
N ILE A 6 14.03 27.18 5.86
CA ILE A 6 12.87 26.33 5.67
C ILE A 6 12.75 25.87 4.22
N ASP A 7 13.13 26.70 3.25
CA ASP A 7 13.11 26.28 1.85
C ASP A 7 14.10 25.14 1.59
N GLU A 8 15.27 25.20 2.22
CA GLU A 8 16.26 24.15 2.02
C GLU A 8 15.81 22.83 2.66
N ASN A 9 15.25 22.91 3.87
CA ASN A 9 14.68 21.71 4.50
C ASN A 9 13.58 21.13 3.63
N LEU A 10 12.67 21.98 3.13
CA LEU A 10 11.58 21.51 2.28
C LEU A 10 12.09 20.93 0.97
N ALA A 11 13.09 21.58 0.36
CA ALA A 11 13.64 21.06 -0.89
C ALA A 11 14.18 19.65 -0.70
N LYS A 12 14.77 19.37 0.46
CA LYS A 12 15.19 18.00 0.76
C LYS A 12 13.98 17.13 1.08
N PHE A 13 13.05 17.65 1.89
CA PHE A 13 11.85 16.88 2.23
C PHE A 13 11.12 16.38 0.99
N LEU A 14 11.03 17.22 -0.05
CA LEU A 14 10.31 16.81 -1.25
C LEU A 14 11.15 15.86 -2.11
N ALA A 15 12.45 16.12 -2.23
CA ALA A 15 13.32 15.24 -3.00
C ALA A 15 13.30 13.81 -2.46
N GLU A 16 13.13 13.66 -1.15
CA GLU A 16 13.09 12.34 -0.54
C GLU A 16 11.85 11.55 -0.93
N ARG A 17 10.80 12.21 -1.38
CA ARG A 17 9.52 11.54 -1.57
C ARG A 17 9.02 11.58 -3.00
N TYR A 18 9.28 12.67 -3.74
CA TYR A 18 8.64 12.87 -5.02
C TYR A 18 9.67 12.92 -6.15
N THR A 19 9.27 12.41 -7.30
CA THR A 19 10.04 12.45 -8.53
C THR A 19 9.19 13.10 -9.61
N PRO A 20 9.82 13.60 -10.67
CA PRO A 20 9.02 14.11 -11.80
C PRO A 20 7.99 13.12 -12.32
N GLU A 21 8.27 11.81 -12.28
CA GLU A 21 7.28 10.83 -12.72
C GLU A 21 6.10 10.77 -11.77
N SER A 22 6.35 10.68 -10.46
CA SER A 22 5.25 10.60 -9.52
C SER A 22 4.47 11.90 -9.45
N VAL A 23 5.14 13.05 -9.62
CA VAL A 23 4.42 14.32 -9.68
C VAL A 23 3.54 14.38 -10.91
N ALA A 24 4.04 13.89 -12.05
CA ALA A 24 3.23 13.86 -13.26
C ALA A 24 1.99 12.98 -13.09
N GLN A 25 2.12 11.90 -12.32
CA GLN A 25 0.93 11.12 -11.97
C GLN A 25 -0.02 11.95 -11.11
N LEU A 26 0.51 12.70 -10.15
CA LEU A 26 -0.33 13.59 -9.34
C LEU A 26 -0.93 14.70 -10.19
N ALA A 27 -0.19 15.17 -11.19
CA ALA A 27 -0.73 16.20 -12.08
C ALA A 27 -1.91 15.68 -12.88
N ASP A 28 -1.87 14.40 -13.28
CA ASP A 28 -3.03 13.79 -13.94
C ASP A 28 -4.25 13.82 -13.04
N ARG A 29 -4.09 13.40 -11.78
CA ARG A 29 -5.20 13.42 -10.83
C ARG A 29 -5.72 14.84 -10.59
N PHE A 30 -4.81 15.83 -10.54
CA PHE A 30 -5.25 17.20 -10.32
C PHE A 30 -6.19 17.67 -11.41
N HIS A 31 -5.84 17.41 -12.67
CA HIS A 31 -6.71 17.85 -13.76
C HIS A 31 -8.00 17.04 -13.81
N ARG A 32 -7.97 15.78 -13.38
CA ARG A 32 -9.17 14.96 -13.45
C ARG A 32 -10.17 15.33 -12.36
N PHE A 33 -9.70 15.63 -11.15
CA PHE A 33 -10.57 15.84 -10.01
C PHE A 33 -10.57 17.27 -9.49
N GLY A 34 -9.68 18.14 -9.99
CA GLY A 34 -9.51 19.44 -9.37
C GLY A 34 -8.96 19.38 -7.96
N PHE A 35 -8.44 18.23 -7.56
CA PHE A 35 -8.16 17.95 -6.15
C PHE A 35 -7.05 16.90 -6.07
N VAL A 36 -5.99 17.21 -5.31
CA VAL A 36 -4.97 16.22 -4.97
C VAL A 36 -4.74 16.32 -3.46
N LYS A 37 -4.81 15.19 -2.77
CA LYS A 37 -4.67 15.17 -1.32
C LYS A 37 -3.26 14.73 -0.93
N PHE A 38 -2.65 15.50 -0.04
CA PHE A 38 -1.37 15.14 0.57
C PHE A 38 -1.66 14.64 1.99
N ASP A 39 -1.70 13.31 2.14
CA ASP A 39 -2.08 12.67 3.39
C ASP A 39 -0.87 11.94 3.99
N ALA A 40 -1.13 11.06 4.96
CA ALA A 40 -0.06 10.37 5.69
C ALA A 40 0.86 9.61 4.75
N ALA A 41 0.34 9.09 3.64
CA ALA A 41 1.16 8.39 2.67
C ALA A 41 2.01 9.37 1.86
N ASN A 42 1.40 10.45 1.37
CA ASN A 42 2.06 11.43 0.51
C ASN A 42 2.10 12.77 1.23
N ARG A 43 3.00 12.90 2.20
CA ARG A 43 3.13 14.15 2.94
C ARG A 43 3.64 15.26 2.05
N LEU A 44 3.31 16.50 2.42
CA LEU A 44 3.75 17.67 1.67
C LEU A 44 4.73 18.55 2.43
N VAL A 45 4.55 18.69 3.74
CA VAL A 45 5.47 19.48 4.56
C VAL A 45 5.87 18.65 5.78
N PRO A 46 7.04 18.92 6.34
CA PRO A 46 7.45 18.20 7.55
C PRO A 46 6.47 18.41 8.69
N ASP A 47 6.40 17.41 9.57
CA ASP A 47 5.48 17.46 10.70
C ASP A 47 5.76 18.66 11.60
N GLU A 48 7.04 18.95 11.85
CA GLU A 48 7.38 20.10 12.68
C GLU A 48 6.91 21.39 12.02
N LEU A 49 7.03 21.48 10.69
CA LEU A 49 6.63 22.70 9.99
C LEU A 49 5.12 22.89 10.06
N GLN A 50 4.35 21.82 9.91
CA GLN A 50 2.90 21.93 10.02
C GLN A 50 2.49 22.30 11.45
N THR A 51 3.14 21.70 12.44
CA THR A 51 2.84 22.04 13.83
C THR A 51 3.06 23.52 14.09
N ALA A 52 4.11 24.10 13.48
CA ALA A 52 4.37 25.52 13.67
C ALA A 52 3.30 26.38 12.99
N VAL A 53 2.85 25.95 11.81
CA VAL A 53 1.76 26.65 11.12
C VAL A 53 0.47 26.50 11.90
N ARG A 54 0.19 25.29 12.41
CA ARG A 54 -1.02 25.07 13.19
C ARG A 54 -1.03 25.96 14.43
N GLU A 55 0.06 25.96 15.19
CA GLU A 55 0.13 26.77 16.40
C GLU A 55 -0.07 28.25 16.09
N GLU A 56 0.47 28.73 14.98
CA GLU A 56 0.23 30.12 14.59
C GLU A 56 -1.23 30.37 14.27
N CYS A 57 -1.91 29.39 13.66
CA CYS A 57 -3.32 29.56 13.33
C CYS A 57 -4.18 29.44 14.58
N ASP A 58 -3.81 28.55 15.49
CA ASP A 58 -4.53 28.44 16.76
C ASP A 58 -4.58 29.78 17.49
N LEU A 59 -3.44 30.50 17.51
CA LEU A 59 -3.39 31.80 18.18
C LEU A 59 -4.21 32.84 17.42
N LEU A 60 -4.10 32.86 16.08
CA LEU A 60 -4.88 33.80 15.28
C LEU A 60 -6.37 33.62 15.52
N ILE A 61 -6.82 32.39 15.73
CA ILE A 61 -8.24 32.12 15.99
C ILE A 61 -8.65 32.72 17.34
N GLU A 62 -7.95 32.34 18.41
CA GLU A 62 -8.29 32.83 19.73
C GLU A 62 -8.13 34.34 19.86
N GLN A 63 -7.35 34.97 18.98
CA GLN A 63 -7.14 36.41 19.02
C GLN A 63 -8.13 37.18 18.15
N HIS A 64 -8.23 36.82 16.86
CA HIS A 64 -9.08 37.55 15.92
C HIS A 64 -10.03 36.60 15.20
N LYS A 65 -10.89 35.91 15.95
CA LYS A 65 -11.94 35.15 15.31
C LYS A 65 -13.17 36.02 15.14
N GLU A 66 -13.91 35.75 14.06
CA GLU A 66 -15.13 36.49 13.73
C GLU A 66 -16.14 35.51 13.18
N ARG A 67 -17.35 35.55 13.73
CA ARG A 67 -18.40 34.62 13.35
C ARG A 67 -19.10 35.09 12.09
N ARG A 68 -19.36 34.16 11.18
CA ARG A 68 -20.10 34.41 9.94
C ARG A 68 -21.32 33.49 9.90
N ASN A 69 -22.47 34.05 9.53
CA ASN A 69 -23.70 33.28 9.37
C ASN A 69 -24.53 33.99 8.31
N LEU A 70 -24.27 33.65 7.04
CA LEU A 70 -24.84 34.40 5.92
C LEU A 70 -24.99 33.47 4.72
N LEU A 71 -25.81 33.93 3.77
CA LEU A 71 -25.92 33.32 2.45
C LEU A 71 -25.31 34.26 1.41
N LEU A 72 -24.71 33.67 0.36
CA LEU A 72 -24.02 34.44 -0.67
C LEU A 72 -24.83 34.38 -1.96
N SER A 73 -25.39 35.53 -2.37
CA SER A 73 -26.27 35.56 -3.54
C SER A 73 -25.54 35.11 -4.80
N THR A 74 -24.25 35.41 -4.92
CA THR A 74 -23.51 35.00 -6.11
C THR A 74 -23.29 33.49 -6.19
N THR A 75 -23.50 32.76 -5.10
CA THR A 75 -23.41 31.31 -5.12
C THR A 75 -24.75 30.67 -4.78
N GLY A 76 -25.83 31.20 -5.36
CA GLY A 76 -27.15 30.65 -5.14
C GLY A 76 -27.61 30.66 -3.70
N ASN A 77 -27.18 31.65 -2.92
CA ASN A 77 -27.57 31.80 -1.52
C ASN A 77 -27.16 30.60 -0.67
N THR A 78 -26.06 29.95 -1.03
CA THR A 78 -25.54 28.88 -0.19
C THR A 78 -25.00 29.47 1.11
N PRO A 79 -25.14 28.75 2.22
CA PRO A 79 -24.77 29.33 3.51
C PRO A 79 -23.27 29.30 3.75
N ARG A 80 -22.76 30.37 4.36
CA ARG A 80 -21.43 30.40 4.98
C ARG A 80 -21.68 30.50 6.47
N ARG A 81 -21.49 29.39 7.18
CA ARG A 81 -21.73 29.30 8.62
C ARG A 81 -20.43 28.78 9.26
N MET A 82 -19.62 29.73 9.76
CA MET A 82 -18.27 29.43 10.24
C MET A 82 -17.70 30.70 10.87
N SER A 83 -16.62 30.52 11.63
CA SER A 83 -15.77 31.61 12.06
C SER A 83 -14.57 31.73 11.14
N VAL A 84 -14.02 32.95 11.01
CA VAL A 84 -12.94 33.23 10.07
C VAL A 84 -11.88 34.12 10.72
N VAL A 85 -10.69 34.12 10.11
CA VAL A 85 -9.62 35.05 10.42
C VAL A 85 -9.18 35.69 9.11
N LYS A 86 -9.22 37.01 9.03
CA LYS A 86 -9.01 37.69 7.76
C LYS A 86 -7.56 37.59 7.31
N SER A 87 -7.37 37.74 5.99
CA SER A 87 -6.03 37.68 5.42
C SER A 87 -5.12 38.74 5.99
N GLU A 88 -5.67 39.91 6.35
CA GLU A 88 -4.85 40.98 6.92
C GLU A 88 -4.24 40.56 8.26
N GLU A 89 -4.91 39.67 9.00
CA GLU A 89 -4.36 39.25 10.28
C GLU A 89 -3.39 38.08 10.13
N ILE A 90 -3.67 37.19 9.17
CA ILE A 90 -2.79 36.04 8.96
C ILE A 90 -1.44 36.49 8.40
N GLU A 91 -1.42 37.59 7.65
CA GLU A 91 -0.17 38.10 7.11
C GLU A 91 0.76 38.64 8.19
N LYS A 92 0.28 38.81 9.42
CA LYS A 92 1.17 39.15 10.51
C LYS A 92 2.12 38.02 10.84
N SER A 93 1.73 36.78 10.53
CA SER A 93 2.57 35.61 10.73
C SER A 93 3.68 35.62 9.69
N GLU A 94 4.92 35.82 10.12
CA GLU A 94 6.04 35.78 9.18
C GLU A 94 6.21 34.40 8.58
N LEU A 95 5.86 33.34 9.32
CA LEU A 95 6.04 31.99 8.82
C LEU A 95 5.02 31.67 7.73
N ILE A 96 3.75 31.94 7.99
CA ILE A 96 2.70 31.59 7.03
C ILE A 96 2.89 32.37 5.73
N SER A 97 3.18 33.67 5.83
CA SER A 97 3.28 34.50 4.63
C SER A 97 4.48 34.11 3.77
N THR A 98 5.63 33.87 4.41
CA THR A 98 6.81 33.46 3.66
C THR A 98 6.66 32.07 3.06
N LEU A 99 5.96 31.18 3.77
CA LEU A 99 5.76 29.84 3.21
C LEU A 99 4.74 29.87 2.07
N SER A 100 3.83 30.83 2.06
CA SER A 100 2.89 30.96 0.96
C SER A 100 3.56 31.47 -0.31
N ARG A 101 4.74 32.10 -0.20
CA ARG A 101 5.49 32.57 -1.36
C ARG A 101 6.81 31.82 -1.54
N SER A 102 6.95 30.63 -0.94
CA SER A 102 8.20 29.90 -1.05
C SER A 102 8.41 29.38 -2.46
N GLU A 103 9.60 29.64 -3.01
CA GLU A 103 9.87 29.22 -4.39
C GLU A 103 9.95 27.71 -4.52
N VAL A 104 10.36 26.99 -3.48
CA VAL A 104 10.42 25.54 -3.60
C VAL A 104 9.04 24.92 -3.42
N LEU A 105 8.23 25.44 -2.49
CA LEU A 105 6.86 24.95 -2.36
C LEU A 105 6.04 25.27 -3.59
N LEU A 106 6.04 26.54 -4.01
CA LEU A 106 5.32 26.93 -5.21
C LEU A 106 5.88 26.22 -6.44
N GLY A 107 7.19 26.02 -6.47
CA GLY A 107 7.79 25.32 -7.60
C GLY A 107 7.39 23.87 -7.68
N PHE A 108 7.39 23.16 -6.54
CA PHE A 108 6.97 21.77 -6.53
C PHE A 108 5.53 21.63 -6.99
N LEU A 109 4.62 22.43 -6.43
CA LEU A 109 3.21 22.35 -6.80
C LEU A 109 2.97 22.73 -8.25
N ALA A 110 3.85 23.53 -8.84
CA ALA A 110 3.70 23.90 -10.25
C ALA A 110 3.81 22.68 -11.16
N GLY A 111 4.49 21.63 -10.71
CA GLY A 111 4.49 20.39 -11.47
C GLY A 111 3.16 19.66 -11.43
N ILE A 112 2.34 19.94 -10.43
CA ILE A 112 1.03 19.33 -10.32
C ILE A 112 -0.04 20.15 -11.04
N THR A 113 0.10 21.48 -11.00
CA THR A 113 -0.80 22.36 -11.73
C THR A 113 -0.43 22.46 -13.20
N ARG A 114 0.79 22.07 -13.56
CA ARG A 114 1.32 22.16 -14.92
C ARG A 114 1.37 23.59 -15.45
N GLU A 115 1.28 24.58 -14.57
CA GLU A 115 1.40 25.97 -14.96
C GLU A 115 1.93 26.78 -13.78
N GLU A 116 2.47 27.96 -14.10
CA GLU A 116 3.08 28.79 -13.07
C GLU A 116 2.03 29.22 -12.04
N ILE A 117 2.44 29.17 -10.77
CA ILE A 117 1.59 29.56 -9.65
C ILE A 117 2.09 30.92 -9.17
N ILE A 118 1.33 31.96 -9.46
CA ILE A 118 1.73 33.33 -9.16
C ILE A 118 1.19 33.70 -7.79
N PRO A 119 2.05 34.11 -6.85
CA PRO A 119 1.60 34.52 -5.51
C PRO A 119 1.16 35.99 -5.45
N GLU A 120 0.33 36.39 -6.40
CA GLU A 120 -0.16 37.77 -6.47
C GLU A 120 -1.68 37.71 -6.56
N VAL A 121 -2.34 37.83 -5.40
CA VAL A 121 -3.78 37.84 -5.32
C VAL A 121 -4.22 39.05 -4.50
N SER A 122 -5.53 39.24 -4.40
CA SER A 122 -6.08 40.34 -3.63
C SER A 122 -5.64 40.24 -2.16
N SER A 123 -5.39 41.40 -1.55
CA SER A 123 -4.87 41.43 -0.18
C SER A 123 -5.87 40.90 0.84
N ASP A 124 -7.16 40.91 0.53
CA ASP A 124 -8.16 40.35 1.43
C ASP A 124 -8.45 38.88 1.14
N GLU A 125 -7.63 38.24 0.30
CA GLU A 125 -7.84 36.83 0.00
C GLU A 125 -6.51 36.06 -0.06
N ARG A 126 -5.38 36.68 0.30
CA ARG A 126 -4.12 35.95 0.31
C ARG A 126 -4.20 34.74 1.22
N TYR A 127 -4.76 34.91 2.42
CA TYR A 127 -4.87 33.83 3.39
C TYR A 127 -6.26 33.84 3.99
N LEU A 128 -6.63 32.72 4.60
CA LEU A 128 -7.95 32.59 5.18
C LEU A 128 -7.93 31.38 6.10
N ILE A 129 -8.61 31.51 7.24
CA ILE A 129 -8.80 30.42 8.18
C ILE A 129 -10.30 30.27 8.44
N THR A 130 -10.81 29.05 8.33
CA THR A 130 -12.19 28.75 8.70
C THR A 130 -12.21 27.90 9.95
N HIS A 131 -13.14 28.22 10.86
CA HIS A 131 -13.25 27.54 12.15
C HIS A 131 -14.71 27.22 12.38
N GLN A 132 -15.08 25.96 12.14
CA GLN A 132 -16.44 25.49 12.31
C GLN A 132 -16.53 24.74 13.63
N GLU A 133 -17.52 25.09 14.45
CA GLU A 133 -17.54 24.60 15.82
C GLU A 133 -18.88 23.97 16.16
N PHE A 134 -19.93 24.42 15.51
CA PHE A 134 -21.29 24.06 15.88
C PHE A 134 -21.96 23.22 14.81
N LYS A 135 -23.03 22.54 15.22
CA LYS A 135 -23.84 21.77 14.30
C LYS A 135 -24.36 22.67 13.18
N SER A 136 -24.42 22.11 11.96
CA SER A 136 -24.86 22.77 10.74
C SER A 136 -23.85 23.78 10.22
N ASP A 137 -22.68 23.88 10.83
CA ASP A 137 -21.63 24.74 10.28
C ASP A 137 -21.11 24.16 8.98
N THR A 138 -20.87 25.03 7.99
CA THR A 138 -20.47 24.56 6.68
C THR A 138 -19.92 25.71 5.85
N HIS A 139 -19.05 25.35 4.91
CA HIS A 139 -18.59 26.26 3.88
C HIS A 139 -19.35 25.88 2.61
N GLY A 140 -20.44 26.59 2.34
CA GLY A 140 -21.42 26.16 1.35
C GLY A 140 -20.87 26.14 -0.08
N TRP A 141 -21.67 25.52 -0.96
CA TRP A 141 -21.29 25.37 -2.37
C TRP A 141 -20.84 26.69 -2.97
N HIS A 142 -19.70 26.66 -3.66
CA HIS A 142 -19.13 27.87 -4.21
C HIS A 142 -18.00 27.51 -5.17
N TRP A 143 -17.46 28.53 -5.82
CA TRP A 143 -16.24 28.47 -6.60
C TRP A 143 -15.23 29.46 -6.01
N GLY A 144 -14.02 29.44 -6.55
CA GLY A 144 -12.99 30.40 -6.19
C GLY A 144 -12.79 31.41 -7.31
N ASP A 145 -12.67 32.69 -6.93
CA ASP A 145 -12.31 33.72 -7.89
C ASP A 145 -10.93 33.46 -8.51
N TYR A 146 -10.02 32.85 -7.75
CA TYR A 146 -8.69 32.53 -8.25
C TYR A 146 -8.58 31.04 -8.54
N SER A 147 -7.52 30.68 -9.28
CA SER A 147 -7.40 29.32 -9.79
C SER A 147 -6.99 28.32 -8.71
N PHE A 148 -6.02 28.68 -7.87
CA PHE A 148 -5.38 27.70 -6.99
C PHE A 148 -5.58 28.03 -5.53
N ALA A 149 -5.67 27.00 -4.71
CA ALA A 149 -5.72 27.17 -3.27
C ALA A 149 -5.11 25.95 -2.60
N LEU A 150 -4.10 26.15 -1.75
CA LEU A 150 -3.56 25.09 -0.92
C LEU A 150 -4.26 25.13 0.43
N ILE A 151 -4.96 24.04 0.76
CA ILE A 151 -5.78 23.97 1.97
C ILE A 151 -5.08 23.10 3.00
N TRP A 152 -4.85 23.67 4.18
CA TRP A 152 -4.25 22.94 5.30
C TRP A 152 -5.38 22.42 6.18
N ALA A 153 -5.66 21.12 6.11
CA ALA A 153 -6.69 20.52 6.96
C ALA A 153 -6.07 20.28 8.35
N LEU A 154 -5.96 21.37 9.11
CA LEU A 154 -5.22 21.35 10.37
C LEU A 154 -5.92 20.49 11.42
N ARG A 155 -7.17 20.83 11.74
CA ARG A 155 -7.99 20.03 12.64
C ARG A 155 -9.26 19.64 11.92
N MET A 156 -9.54 18.33 11.88
CA MET A 156 -10.64 17.79 11.11
C MET A 156 -11.47 16.90 12.03
N PRO A 157 -12.78 17.08 12.08
CA PRO A 157 -13.60 16.26 12.98
C PRO A 157 -13.63 14.81 12.53
N PRO A 158 -14.14 13.91 13.38
CA PRO A 158 -14.36 12.53 12.93
C PRO A 158 -15.18 12.49 11.66
N ILE A 159 -14.91 11.48 10.83
CA ILE A 159 -15.58 11.37 9.55
C ILE A 159 -17.09 11.16 9.71
N GLU A 160 -17.52 10.59 10.84
CA GLU A 160 -18.95 10.40 11.07
C GLU A 160 -19.68 11.68 11.45
N HIS A 161 -18.97 12.76 11.72
CA HIS A 161 -19.58 14.02 12.11
C HIS A 161 -19.73 15.01 10.95
N GLY A 162 -19.26 14.65 9.76
CA GLY A 162 -19.29 15.55 8.63
C GLY A 162 -17.97 16.28 8.45
N GLY A 163 -18.02 17.33 7.64
CA GLY A 163 -16.85 18.14 7.36
C GLY A 163 -16.04 17.69 6.16
N MET A 164 -16.52 16.74 5.37
CA MET A 164 -15.82 16.35 4.16
C MET A 164 -15.94 17.42 3.08
N LEU A 165 -14.95 17.48 2.20
CA LEU A 165 -15.01 18.32 1.02
C LEU A 165 -15.72 17.55 -0.09
N GLN A 166 -16.85 18.10 -0.55
CA GLN A 166 -17.50 17.63 -1.76
C GLN A 166 -17.10 18.54 -2.91
N ALA A 167 -16.92 17.95 -4.09
CA ALA A 167 -16.39 18.67 -5.23
C ALA A 167 -17.09 18.21 -6.50
N VAL A 168 -17.22 19.14 -7.45
CA VAL A 168 -17.61 18.82 -8.83
C VAL A 168 -16.62 19.50 -9.76
N PRO A 169 -15.67 18.78 -10.33
CA PRO A 169 -14.67 19.42 -11.19
C PRO A 169 -15.25 19.79 -12.55
N HIS A 170 -14.52 20.67 -13.24
CA HIS A 170 -14.84 21.05 -14.62
C HIS A 170 -16.18 21.78 -14.72
N THR A 171 -16.33 22.81 -13.87
CA THR A 171 -17.48 23.69 -13.92
C THR A 171 -17.00 25.13 -14.06
N HIS A 172 -17.92 26.10 -14.02
CA HIS A 172 -17.54 27.50 -14.09
C HIS A 172 -18.51 28.31 -13.24
N TRP A 173 -18.02 29.44 -12.72
CA TRP A 173 -18.77 30.29 -11.81
C TRP A 173 -19.37 31.46 -12.60
N ASP A 174 -20.69 31.48 -12.73
CA ASP A 174 -21.42 32.60 -13.30
C ASP A 174 -22.18 33.25 -12.14
N LYS A 175 -21.70 34.40 -11.69
CA LYS A 175 -22.25 35.01 -10.47
C LYS A 175 -23.66 35.56 -10.67
N SER A 176 -24.10 35.72 -11.92
CA SER A 176 -25.47 36.14 -12.18
C SER A 176 -26.42 34.96 -12.32
N ASN A 177 -25.89 33.76 -12.53
CA ASN A 177 -26.70 32.55 -12.65
C ASN A 177 -25.84 31.38 -12.21
N PRO A 178 -25.69 31.19 -10.90
CA PRO A 178 -24.74 30.18 -10.40
C PRO A 178 -25.05 28.77 -10.88
N ARG A 179 -26.34 28.44 -11.00
CA ARG A 179 -26.80 27.12 -11.43
C ARG A 179 -26.14 26.01 -10.60
N ILE A 180 -26.22 26.16 -9.27
CA ILE A 180 -25.56 25.20 -8.40
C ILE A 180 -26.35 23.90 -8.31
N ASN A 181 -27.61 23.97 -7.89
CA ASN A 181 -28.41 22.75 -7.78
C ASN A 181 -28.58 22.07 -9.13
N GLN A 182 -28.60 22.86 -10.21
CA GLN A 182 -28.71 22.32 -11.55
C GLN A 182 -27.44 21.58 -11.95
N THR A 183 -26.27 22.10 -11.56
CA THR A 183 -25.02 21.39 -11.82
C THR A 183 -24.99 20.05 -11.10
N LEU A 184 -25.47 20.00 -9.86
CA LEU A 184 -25.50 18.74 -9.12
C LEU A 184 -26.37 17.72 -9.83
N CYS A 185 -27.51 18.16 -10.38
N CYS A 185 -27.49 18.17 -10.40
CA CYS A 185 -28.37 17.24 -11.11
CA CYS A 185 -28.38 17.25 -11.10
C CYS A 185 -27.72 16.68 -12.35
C CYS A 185 -27.73 16.69 -12.37
N GLU A 186 -26.86 17.47 -13.00
CA GLU A 186 -26.22 17.07 -14.25
C GLU A 186 -24.88 16.39 -14.07
N ARG A 187 -24.26 16.51 -12.89
CA ARG A 187 -22.89 16.06 -12.66
C ARG A 187 -22.81 15.22 -11.40
N GLU A 188 -21.86 14.30 -11.38
CA GLU A 188 -21.62 13.50 -10.19
C GLU A 188 -20.82 14.30 -9.15
N ILE A 189 -21.08 14.04 -7.88
CA ILE A 189 -20.40 14.69 -6.77
C ILE A 189 -19.33 13.75 -6.23
N ASN A 190 -18.11 14.26 -6.09
CA ASN A 190 -17.00 13.53 -5.46
C ASN A 190 -16.84 14.00 -4.03
N THR A 191 -16.96 13.08 -3.08
CA THR A 191 -16.76 13.41 -1.67
C THR A 191 -15.35 13.02 -1.26
N HIS A 192 -14.66 13.94 -0.58
CA HIS A 192 -13.25 13.74 -0.21
C HIS A 192 -13.12 13.79 1.31
N GLY A 193 -12.92 12.62 1.92
CA GLY A 193 -12.67 12.58 3.34
C GLY A 193 -11.30 13.13 3.69
N LEU A 194 -11.22 13.86 4.79
CA LEU A 194 -9.99 14.49 5.23
C LEU A 194 -9.72 14.13 6.69
N GLU A 195 -8.44 13.99 7.01
CA GLU A 195 -8.01 13.79 8.39
C GLU A 195 -7.11 14.94 8.82
N SER A 196 -7.05 15.16 10.13
CA SER A 196 -6.21 16.21 10.66
C SER A 196 -4.76 15.98 10.24
N GLY A 197 -4.15 17.01 9.66
CA GLY A 197 -2.81 16.92 9.15
C GLY A 197 -2.72 16.88 7.64
N ASP A 198 -3.80 16.47 6.96
CA ASP A 198 -3.82 16.42 5.51
C ASP A 198 -3.72 17.83 4.93
N LEU A 199 -3.06 17.93 3.78
CA LEU A 199 -3.15 19.10 2.92
C LEU A 199 -3.73 18.66 1.59
N TYR A 200 -4.30 19.60 0.85
CA TYR A 200 -4.73 19.27 -0.50
C TYR A 200 -4.70 20.49 -1.39
N LEU A 201 -4.39 20.27 -2.67
CA LEU A 201 -4.40 21.29 -3.68
C LEU A 201 -5.75 21.25 -4.40
N LEU A 202 -6.39 22.41 -4.51
CA LEU A 202 -7.74 22.50 -5.08
C LEU A 202 -7.73 23.51 -6.21
N ARG A 203 -8.32 23.15 -7.34
CA ARG A 203 -8.48 24.04 -8.47
C ARG A 203 -9.82 24.77 -8.27
N THR A 204 -9.75 25.92 -7.60
CA THR A 204 -10.94 26.55 -7.04
C THR A 204 -11.80 27.27 -8.07
N ASP A 205 -11.28 27.58 -9.26
CA ASP A 205 -12.10 28.33 -10.20
C ASP A 205 -13.03 27.44 -11.01
N THR A 206 -12.63 26.19 -11.28
CA THR A 206 -13.43 25.28 -12.09
C THR A 206 -13.93 24.05 -11.32
N THR A 207 -13.85 24.08 -9.99
CA THR A 207 -14.32 22.99 -9.15
C THR A 207 -15.37 23.56 -8.20
N LEU A 208 -16.64 23.21 -8.44
CA LEU A 208 -17.69 23.53 -7.49
C LEU A 208 -17.46 22.70 -6.24
N HIS A 209 -17.32 23.35 -5.09
CA HIS A 209 -16.95 22.62 -3.88
C HIS A 209 -17.65 23.19 -2.65
N ARG A 210 -17.60 22.44 -1.56
CA ARG A 210 -18.22 22.80 -0.29
C ARG A 210 -17.71 21.83 0.78
N THR A 211 -18.00 22.16 2.03
CA THR A 211 -17.75 21.26 3.15
C THR A 211 -19.08 20.71 3.65
N VAL A 212 -19.14 19.39 3.84
CA VAL A 212 -20.35 18.76 4.36
C VAL A 212 -20.64 19.31 5.74
N PRO A 213 -21.85 19.80 6.01
CA PRO A 213 -22.14 20.41 7.32
C PRO A 213 -21.91 19.45 8.46
N LEU A 214 -21.51 19.98 9.61
CA LEU A 214 -21.28 19.16 10.79
C LEU A 214 -22.61 18.64 11.32
N SER A 215 -22.65 17.34 11.59
CA SER A 215 -23.86 16.73 12.16
C SER A 215 -23.93 16.89 13.67
N GLU A 216 -22.88 17.39 14.30
CA GLU A 216 -22.89 17.69 15.73
C GLU A 216 -21.76 18.66 16.00
N ASP A 217 -21.76 19.22 17.22
CA ASP A 217 -20.71 20.13 17.61
C ASP A 217 -19.35 19.44 17.51
N SER A 218 -18.43 20.07 16.79
CA SER A 218 -17.11 19.51 16.58
C SER A 218 -16.10 20.62 16.40
N THR A 219 -14.99 20.35 15.72
CA THR A 219 -13.99 21.37 15.46
C THR A 219 -13.38 21.09 14.09
N ARG A 220 -13.50 22.07 13.19
CA ARG A 220 -12.96 21.96 11.85
C ARG A 220 -12.17 23.24 11.57
N THR A 221 -10.85 23.11 11.50
CA THR A 221 -9.96 24.25 11.33
C THR A 221 -9.11 23.99 10.09
N ILE A 222 -9.13 24.94 9.16
CA ILE A 222 -8.28 24.84 7.98
C ILE A 222 -7.66 26.20 7.70
N LEU A 223 -6.60 26.18 6.88
CA LEU A 223 -5.95 27.39 6.42
C LEU A 223 -5.92 27.36 4.90
N VAL A 224 -6.27 28.48 4.28
CA VAL A 224 -6.33 28.62 2.83
C VAL A 224 -5.18 29.52 2.38
N MET A 225 -4.33 29.00 1.50
CA MET A 225 -3.33 29.79 0.78
C MET A 225 -3.83 29.91 -0.66
N THR A 226 -4.36 31.08 -0.99
CA THR A 226 -4.90 31.32 -2.32
C THR A 226 -3.83 31.92 -3.22
N TRP A 227 -3.62 31.30 -4.37
CA TRP A 227 -2.70 31.80 -5.38
C TRP A 227 -3.42 32.00 -6.70
N ALA A 228 -2.74 32.66 -7.62
CA ALA A 228 -3.28 33.02 -8.92
C ALA A 228 -2.53 32.28 -10.03
N ALA A 229 -3.23 32.07 -11.14
CA ALA A 229 -2.62 31.62 -12.38
C ALA A 229 -2.53 32.79 -13.34
N LYS A 230 -1.94 32.55 -14.52
CA LYS A 230 -1.79 33.62 -15.49
C LYS A 230 -3.14 34.12 -15.98
N ARG A 231 -4.16 33.26 -15.96
CA ARG A 231 -5.51 33.68 -16.35
C ARG A 231 -6.12 34.66 -15.36
N ASP A 232 -5.60 34.72 -14.14
CA ASP A 232 -6.12 35.63 -13.12
C ASP A 232 -5.40 36.97 -13.16
N ASP A 236 -9.82 41.64 -12.67
CA ASP A 236 -10.90 42.50 -12.19
C ASP A 236 -11.89 41.69 -11.38
N LEU A 237 -12.02 42.03 -10.09
CA LEU A 237 -12.87 41.30 -9.17
C LEU A 237 -14.29 41.86 -9.22
N VAL A 238 -15.26 40.97 -9.43
CA VAL A 238 -16.66 41.36 -9.52
C VAL A 238 -17.48 40.51 -8.55
N GLY A 239 -18.72 40.94 -8.32
CA GLY A 239 -19.68 40.21 -7.52
C GLY A 239 -20.06 40.90 -6.23
N ASN A 240 -19.13 41.64 -5.63
CA ASN A 240 -19.34 42.26 -4.32
C ASN A 240 -19.73 41.19 -3.29
N ASP A 241 -19.03 40.07 -3.33
CA ASP A 241 -19.35 38.90 -2.52
C ASP A 241 -18.18 38.47 -1.64
N ARG A 242 -17.33 39.42 -1.26
CA ARG A 242 -16.16 39.12 -0.43
C ARG A 242 -16.60 39.08 1.04
N TRP A 243 -17.37 38.04 1.36
CA TRP A 243 -18.03 37.93 2.65
C TRP A 243 -17.05 37.71 3.80
N TRP A 244 -15.93 37.03 3.54
CA TRP A 244 -14.99 36.73 4.62
C TRP A 244 -14.28 37.99 5.13
N GLU A 245 -14.02 38.96 4.25
CA GLU A 245 -13.47 40.25 4.64
C GLU A 245 -14.55 41.23 5.10
N ASN A 246 -15.74 41.17 4.51
CA ASN A 246 -16.84 42.08 4.84
C ASN A 246 -18.09 41.25 5.06
N PRO A 247 -18.51 41.04 6.31
CA PRO A 247 -19.72 40.24 6.57
C PRO A 247 -20.98 40.86 6.02
N GLU A 248 -20.95 42.13 5.66
CA GLU A 248 -22.09 42.84 5.10
C GLU A 248 -21.82 43.25 3.65
N ALA A 249 -21.19 42.35 2.89
CA ALA A 249 -21.04 42.57 1.48
C ALA A 249 -22.42 42.60 0.80
N GLU A 250 -22.44 43.08 -0.44
CA GLU A 250 -23.71 43.22 -1.15
C GLU A 250 -24.42 41.88 -1.29
N ALA A 251 -23.67 40.83 -1.63
CA ALA A 251 -24.25 39.51 -1.85
C ALA A 251 -24.52 38.75 -0.56
N ALA A 252 -24.09 39.26 0.59
CA ALA A 252 -24.30 38.59 1.86
C ALA A 252 -25.75 38.78 2.31
N ARG A 253 -26.46 37.67 2.51
CA ARG A 253 -27.83 37.68 2.96
C ARG A 253 -27.90 37.18 4.41
N ALA A 254 -29.08 37.30 5.00
CA ALA A 254 -29.30 36.93 6.39
C ALA A 254 -30.36 35.84 6.49
N VAL A 255 -30.25 35.04 7.55
CA VAL A 255 -31.21 33.97 7.84
C VAL A 255 -31.34 33.00 6.67
N ASN B 2 -23.46 3.31 24.26
CA ASN B 2 -24.52 2.53 24.86
C ASN B 2 -24.03 1.15 25.28
N VAL B 3 -22.70 1.00 25.37
CA VAL B 3 -22.05 -0.25 25.78
C VAL B 3 -22.39 -1.37 24.82
N GLU B 4 -23.63 -1.85 24.87
CA GLU B 4 -24.06 -2.92 23.96
C GLU B 4 -24.01 -2.44 22.51
N GLN B 5 -24.36 -1.19 22.26
CA GLN B 5 -24.28 -0.65 20.90
C GLN B 5 -22.84 -0.39 20.48
N ILE B 6 -21.98 0.01 21.43
CA ILE B 6 -20.57 0.19 21.11
C ILE B 6 -19.95 -1.12 20.64
N ASP B 7 -20.17 -2.18 21.41
CA ASP B 7 -19.61 -3.49 21.05
C ASP B 7 -20.17 -3.99 19.73
N GLU B 8 -21.47 -3.77 19.48
CA GLU B 8 -22.06 -4.22 18.23
C GLU B 8 -21.46 -3.48 17.04
N ASN B 9 -21.19 -2.18 17.19
CA ASN B 9 -20.57 -1.41 16.11
C ASN B 9 -19.10 -1.78 15.95
N LEU B 10 -18.36 -1.84 17.07
CA LEU B 10 -16.95 -2.22 16.99
C LEU B 10 -16.78 -3.60 16.35
N ALA B 11 -17.71 -4.52 16.61
CA ALA B 11 -17.65 -5.83 15.97
C ALA B 11 -17.71 -5.71 14.45
N LYS B 12 -18.66 -4.91 13.95
CA LYS B 12 -18.73 -4.69 12.51
C LYS B 12 -17.50 -3.96 12.00
N PHE B 13 -17.03 -2.95 12.76
CA PHE B 13 -15.86 -2.19 12.36
C PHE B 13 -14.65 -3.10 12.15
N LEU B 14 -14.39 -4.00 13.10
CA LEU B 14 -13.28 -4.92 12.96
C LEU B 14 -13.53 -5.96 11.87
N ALA B 15 -14.78 -6.41 11.72
CA ALA B 15 -15.09 -7.36 10.67
C ALA B 15 -14.96 -6.76 9.28
N GLU B 16 -14.99 -5.44 9.15
CA GLU B 16 -14.76 -4.80 7.85
C GLU B 16 -13.28 -4.76 7.47
N ARG B 17 -12.38 -4.85 8.44
CA ARG B 17 -10.96 -4.65 8.18
C ARG B 17 -10.09 -5.86 8.42
N TYR B 18 -10.48 -6.78 9.29
CA TYR B 18 -9.61 -7.89 9.67
C TYR B 18 -10.28 -9.23 9.35
N THR B 19 -9.44 -10.22 9.08
CA THR B 19 -9.79 -11.61 8.83
C THR B 19 -8.97 -12.48 9.76
N PRO B 20 -9.38 -13.72 9.97
CA PRO B 20 -8.53 -14.63 10.77
C PRO B 20 -7.10 -14.73 10.25
N GLU B 21 -6.90 -14.70 8.93
CA GLU B 21 -5.54 -14.77 8.40
C GLU B 21 -4.75 -13.49 8.70
N SER B 22 -5.38 -12.32 8.54
CA SER B 22 -4.64 -11.08 8.79
C SER B 22 -4.36 -10.90 10.28
N VAL B 23 -5.27 -11.32 11.16
CA VAL B 23 -4.99 -11.26 12.59
C VAL B 23 -3.83 -12.17 12.95
N ALA B 24 -3.73 -13.34 12.31
CA ALA B 24 -2.63 -14.25 12.59
C ALA B 24 -1.31 -13.63 12.20
N GLN B 25 -1.28 -12.87 11.10
CA GLN B 25 -0.06 -12.14 10.75
C GLN B 25 0.27 -11.08 11.78
N LEU B 26 -0.74 -10.45 12.37
CA LEU B 26 -0.49 -9.48 13.42
C LEU B 26 -0.05 -10.16 14.70
N ALA B 27 -0.51 -11.39 14.94
CA ALA B 27 -0.05 -12.14 16.10
C ALA B 27 1.43 -12.45 15.97
N ASP B 28 1.88 -12.84 14.77
CA ASP B 28 3.30 -13.07 14.54
C ASP B 28 4.11 -11.82 14.85
N ARG B 29 3.67 -10.66 14.37
CA ARG B 29 4.43 -9.43 14.58
C ARG B 29 4.48 -9.07 16.06
N PHE B 30 3.39 -9.30 16.79
CA PHE B 30 3.34 -8.96 18.20
C PHE B 30 4.29 -9.83 19.00
N HIS B 31 4.39 -11.12 18.68
N HIS B 31 4.39 -11.11 18.65
CA HIS B 31 5.30 -11.97 19.43
CA HIS B 31 5.25 -12.07 19.33
C HIS B 31 6.75 -11.71 19.05
C HIS B 31 6.72 -11.88 18.97
N ARG B 32 7.01 -11.28 17.82
CA ARG B 32 8.38 -10.98 17.42
C ARG B 32 8.89 -9.69 18.05
N PHE B 33 8.08 -8.62 18.02
CA PHE B 33 8.53 -7.32 18.50
C PHE B 33 7.93 -6.92 19.85
N GLY B 34 7.03 -7.72 20.42
CA GLY B 34 6.36 -7.28 21.63
C GLY B 34 5.53 -6.04 21.41
N PHE B 35 5.12 -5.78 20.17
CA PHE B 35 4.54 -4.50 19.77
C PHE B 35 3.82 -4.71 18.44
N VAL B 36 2.61 -4.17 18.34
CA VAL B 36 1.85 -4.10 17.08
C VAL B 36 1.14 -2.76 17.07
N LYS B 37 1.30 -2.02 15.98
CA LYS B 37 0.76 -0.66 15.87
C LYS B 37 -0.51 -0.65 15.03
N PHE B 38 -1.52 0.06 15.52
CA PHE B 38 -2.77 0.30 14.79
C PHE B 38 -2.77 1.76 14.36
N ASP B 39 -2.32 2.02 13.13
CA ASP B 39 -2.25 3.35 12.56
C ASP B 39 -3.34 3.53 11.50
N ALA B 40 -3.18 4.55 10.65
CA ALA B 40 -4.21 4.89 9.68
C ALA B 40 -4.47 3.75 8.70
N ALA B 41 -3.46 2.91 8.45
CA ALA B 41 -3.66 1.75 7.57
C ALA B 41 -4.58 0.72 8.22
N ASN B 42 -4.24 0.27 9.43
CA ASN B 42 -5.02 -0.72 10.17
C ASN B 42 -5.54 -0.08 11.45
N ARG B 43 -6.74 0.49 11.39
CA ARG B 43 -7.35 1.11 12.56
C ARG B 43 -7.94 0.04 13.48
N LEU B 44 -8.02 0.38 14.77
CA LEU B 44 -8.58 -0.51 15.77
C LEU B 44 -9.97 -0.11 16.24
N VAL B 45 -10.22 1.19 16.44
CA VAL B 45 -11.53 1.66 16.90
C VAL B 45 -12.04 2.73 15.93
N PRO B 46 -13.35 2.95 15.83
CA PRO B 46 -13.84 3.99 14.93
C PRO B 46 -13.37 5.38 15.37
N ASP B 47 -13.15 6.24 14.38
CA ASP B 47 -12.61 7.57 14.66
C ASP B 47 -13.48 8.33 15.65
N GLU B 48 -14.80 8.13 15.59
CA GLU B 48 -15.69 8.81 16.53
C GLU B 48 -15.51 8.28 17.95
N LEU B 49 -15.21 6.99 18.09
CA LEU B 49 -14.98 6.42 19.41
C LEU B 49 -13.70 6.95 20.03
N GLN B 50 -12.62 7.05 19.25
CA GLN B 50 -11.36 7.55 19.80
C GLN B 50 -11.48 9.02 20.17
N THR B 51 -12.17 9.81 19.34
CA THR B 51 -12.46 11.19 19.70
C THR B 51 -13.12 11.27 21.06
N ALA B 52 -14.16 10.44 21.28
CA ALA B 52 -14.82 10.41 22.57
C ALA B 52 -13.85 10.05 23.70
N VAL B 53 -12.93 9.12 23.44
CA VAL B 53 -11.95 8.74 24.46
C VAL B 53 -10.95 9.88 24.69
N ARG B 54 -10.50 10.51 23.61
CA ARG B 54 -9.55 11.63 23.75
C ARG B 54 -10.16 12.79 24.51
N GLU B 55 -11.47 13.05 24.34
CA GLU B 55 -12.10 14.15 25.05
C GLU B 55 -12.25 13.83 26.53
N GLU B 56 -12.66 12.60 26.86
CA GLU B 56 -12.81 12.23 28.26
C GLU B 56 -11.46 12.21 28.98
N CYS B 57 -10.39 11.85 28.26
CA CYS B 57 -9.04 11.92 28.82
C CYS B 57 -8.58 13.36 29.01
N ASP B 58 -8.80 14.21 28.00
CA ASP B 58 -8.37 15.60 28.08
C ASP B 58 -9.03 16.32 29.25
N LEU B 59 -10.29 15.99 29.55
CA LEU B 59 -10.95 16.58 30.72
C LEU B 59 -10.32 16.08 32.01
N LEU B 60 -9.94 14.80 32.06
CA LEU B 60 -9.33 14.26 33.27
C LEU B 60 -7.96 14.87 33.53
N ILE B 61 -7.24 15.26 32.47
CA ILE B 61 -5.94 15.91 32.64
C ILE B 61 -6.12 17.32 33.19
N GLU B 62 -7.07 18.07 32.64
CA GLU B 62 -7.29 19.45 33.06
C GLU B 62 -7.72 19.57 34.51
N GLN B 63 -8.13 18.48 35.14
CA GLN B 63 -8.58 18.50 36.53
C GLN B 63 -7.70 17.73 37.48
N HIS B 64 -7.05 16.64 37.04
CA HIS B 64 -6.37 15.71 37.93
C HIS B 64 -4.88 15.59 37.66
N LYS B 65 -4.30 16.46 36.85
CA LYS B 65 -2.89 16.33 36.47
C LYS B 65 -1.99 16.39 37.70
N GLU B 66 -1.07 15.42 37.81
CA GLU B 66 -0.10 15.37 38.89
C GLU B 66 1.29 15.23 38.30
N ARG B 67 2.13 16.21 38.56
CA ARG B 67 3.49 16.19 38.05
C ARG B 67 4.34 15.15 38.78
N ARG B 68 5.18 14.43 38.03
CA ARG B 68 6.10 13.45 38.59
C ARG B 68 7.50 13.71 38.03
N ASN B 69 8.50 13.67 38.91
CA ASN B 69 9.89 13.81 38.50
C ASN B 69 10.74 13.06 39.53
N LEU B 70 11.02 11.79 39.24
CA LEU B 70 11.68 10.90 40.18
C LEU B 70 12.56 9.91 39.42
N LEU B 71 13.26 9.07 40.18
CA LEU B 71 13.98 7.92 39.65
C LEU B 71 13.44 6.67 40.33
N LEU B 72 13.24 5.61 39.55
CA LEU B 72 12.71 4.35 40.06
C LEU B 72 13.88 3.38 40.22
N SER B 73 14.21 3.05 41.48
CA SER B 73 15.38 2.21 41.73
C SER B 73 15.20 0.81 41.16
N THR B 74 13.97 0.28 41.15
CA THR B 74 13.74 -1.05 40.62
C THR B 74 13.94 -1.16 39.11
N THR B 75 14.16 -0.04 38.42
CA THR B 75 14.46 -0.06 36.98
C THR B 75 15.78 0.66 36.71
N GLY B 76 16.77 0.45 37.55
CA GLY B 76 18.07 1.06 37.36
C GLY B 76 18.09 2.56 37.49
N ASN B 77 17.13 3.12 38.23
CA ASN B 77 17.01 4.57 38.46
C ASN B 77 16.80 5.32 37.14
N THR B 78 15.92 4.79 36.29
CA THR B 78 15.54 5.52 35.09
C THR B 78 14.51 6.60 35.43
N PRO B 79 14.52 7.71 34.71
CA PRO B 79 13.68 8.86 35.09
C PRO B 79 12.21 8.64 34.76
N ARG B 80 11.37 9.39 35.48
CA ARG B 80 9.92 9.46 35.24
C ARG B 80 9.53 10.93 35.35
N ARG B 81 9.69 11.68 34.26
CA ARG B 81 9.36 13.10 34.22
C ARG B 81 8.15 13.29 33.32
N MET B 82 6.99 13.50 33.94
CA MET B 82 5.71 13.59 33.22
C MET B 82 4.64 14.06 34.20
N SER B 83 3.44 14.27 33.67
CA SER B 83 2.24 14.44 34.48
C SER B 83 1.37 13.21 34.31
N VAL B 84 0.71 12.80 35.40
CA VAL B 84 -0.04 11.56 35.41
C VAL B 84 -1.46 11.81 35.90
N VAL B 85 -2.34 10.86 35.59
CA VAL B 85 -3.69 10.80 36.14
C VAL B 85 -3.91 9.38 36.64
N LYS B 86 -4.19 9.24 37.93
CA LYS B 86 -4.24 7.93 38.57
C LYS B 86 -5.39 7.08 38.03
N SER B 87 -5.32 5.78 38.32
CA SER B 87 -6.33 4.86 37.81
C SER B 87 -7.66 5.03 38.54
N GLU B 88 -7.62 5.29 39.85
CA GLU B 88 -8.84 5.47 40.62
C GLU B 88 -9.71 6.60 40.08
N GLU B 89 -9.12 7.56 39.38
CA GLU B 89 -9.87 8.68 38.82
C GLU B 89 -10.28 8.46 37.38
N ILE B 90 -9.48 7.73 36.59
CA ILE B 90 -9.92 7.38 35.24
C ILE B 90 -11.08 6.38 35.29
N GLU B 91 -11.13 5.54 36.34
CA GLU B 91 -12.19 4.54 36.46
C GLU B 91 -13.56 5.17 36.60
N LYS B 92 -13.64 6.48 36.92
CA LYS B 92 -14.93 7.15 36.97
C LYS B 92 -15.53 7.29 35.58
N SER B 93 -14.70 7.37 34.53
CA SER B 93 -15.19 7.51 33.17
C SER B 93 -15.85 6.21 32.72
N GLU B 94 -17.18 6.27 32.50
CA GLU B 94 -17.90 5.07 32.12
C GLU B 94 -17.45 4.55 30.76
N LEU B 95 -17.19 5.46 29.82
CA LEU B 95 -16.72 5.06 28.50
C LEU B 95 -15.41 4.29 28.59
N ILE B 96 -14.40 4.87 29.25
CA ILE B 96 -13.11 4.21 29.30
C ILE B 96 -13.16 2.92 30.13
N SER B 97 -14.01 2.89 31.16
CA SER B 97 -14.05 1.71 32.02
C SER B 97 -14.66 0.51 31.31
N THR B 98 -15.83 0.70 30.68
CA THR B 98 -16.47 -0.41 29.99
C THR B 98 -15.70 -0.82 28.74
N LEU B 99 -15.17 0.15 28.00
CA LEU B 99 -14.39 -0.17 26.81
C LEU B 99 -13.18 -1.03 27.14
N SER B 100 -12.53 -0.76 28.28
CA SER B 100 -11.37 -1.55 28.68
C SER B 100 -11.75 -2.97 29.07
N ARG B 101 -13.03 -3.24 29.31
CA ARG B 101 -13.51 -4.58 29.60
C ARG B 101 -14.42 -5.10 28.49
N SER B 102 -14.41 -4.45 27.33
CA SER B 102 -15.30 -4.85 26.24
C SER B 102 -14.98 -6.25 25.76
N GLU B 103 -16.02 -7.11 25.71
CA GLU B 103 -15.83 -8.47 25.22
C GLU B 103 -15.38 -8.47 23.76
N VAL B 104 -15.81 -7.48 22.99
CA VAL B 104 -15.45 -7.44 21.57
C VAL B 104 -14.01 -7.01 21.39
N LEU B 105 -13.59 -5.95 22.07
CA LEU B 105 -12.23 -5.46 21.94
C LEU B 105 -11.22 -6.47 22.46
N LEU B 106 -11.45 -6.99 23.68
CA LEU B 106 -10.52 -7.94 24.25
C LEU B 106 -10.48 -9.23 23.45
N GLY B 107 -11.63 -9.67 22.93
CA GLY B 107 -11.67 -10.86 22.11
C GLY B 107 -10.92 -10.70 20.80
N PHE B 108 -11.06 -9.53 20.16
CA PHE B 108 -10.31 -9.30 18.94
C PHE B 108 -8.81 -9.32 19.20
N LEU B 109 -8.36 -8.59 20.24
CA LEU B 109 -6.94 -8.55 20.55
C LEU B 109 -6.42 -9.90 21.02
N ALA B 110 -7.28 -10.72 21.64
CA ALA B 110 -6.84 -12.05 22.06
C ALA B 110 -6.33 -12.86 20.86
N GLY B 111 -6.83 -12.58 19.66
CA GLY B 111 -6.28 -13.21 18.47
C GLY B 111 -4.86 -12.82 18.19
N ILE B 112 -4.44 -11.65 18.66
CA ILE B 112 -3.07 -11.17 18.49
C ILE B 112 -2.16 -11.71 19.58
N THR B 113 -2.63 -11.70 20.83
CA THR B 113 -1.86 -12.23 21.93
C THR B 113 -1.82 -13.75 21.93
N ARG B 114 -2.79 -14.39 21.28
CA ARG B 114 -2.92 -15.86 21.23
C ARG B 114 -3.19 -16.45 22.61
N GLU B 115 -3.72 -15.65 23.54
CA GLU B 115 -4.06 -16.14 24.86
C GLU B 115 -5.10 -15.19 25.47
N GLU B 116 -5.83 -15.71 26.46
CA GLU B 116 -6.92 -14.93 27.05
C GLU B 116 -6.40 -13.64 27.66
N ILE B 117 -7.13 -12.56 27.42
CA ILE B 117 -6.84 -11.25 28.02
C ILE B 117 -7.81 -11.06 29.18
N ILE B 118 -7.29 -10.82 30.37
CA ILE B 118 -8.08 -10.85 31.59
C ILE B 118 -8.09 -9.44 32.18
N PRO B 119 -9.23 -8.75 32.19
CA PRO B 119 -9.31 -7.39 32.74
C PRO B 119 -9.45 -7.38 34.27
N GLU B 120 -8.49 -8.01 34.94
CA GLU B 120 -8.53 -8.11 36.41
C GLU B 120 -7.11 -7.81 36.92
N VAL B 121 -6.75 -6.54 36.90
CA VAL B 121 -5.47 -6.10 37.44
C VAL B 121 -5.72 -5.23 38.64
N SER B 122 -4.64 -4.81 39.32
CA SER B 122 -4.76 -3.98 40.50
C SER B 122 -5.47 -2.67 40.20
N SER B 123 -6.28 -2.21 41.16
CA SER B 123 -7.08 -1.00 41.02
C SER B 123 -6.25 0.25 40.73
N ASP B 124 -5.02 0.32 41.20
CA ASP B 124 -4.19 1.50 41.00
C ASP B 124 -3.44 1.46 39.68
N GLU B 125 -3.66 0.42 38.86
CA GLU B 125 -2.93 0.25 37.62
C GLU B 125 -3.85 -0.11 36.46
N ARG B 126 -5.16 -0.14 36.67
CA ARG B 126 -6.08 -0.46 35.58
C ARG B 126 -5.93 0.52 34.42
N TYR B 127 -5.82 1.81 34.72
CA TYR B 127 -5.70 2.83 33.70
C TYR B 127 -4.65 3.86 34.11
N LEU B 128 -3.94 4.39 33.13
CA LEU B 128 -2.94 5.42 33.39
C LEU B 128 -2.92 6.40 32.24
N ILE B 129 -2.92 7.69 32.56
CA ILE B 129 -2.75 8.75 31.58
C ILE B 129 -1.45 9.48 31.91
N THR B 130 -0.53 9.49 30.95
CA THR B 130 0.71 10.24 31.10
C THR B 130 0.70 11.41 30.14
N HIS B 131 1.20 12.55 30.61
CA HIS B 131 1.11 13.81 29.87
C HIS B 131 2.47 14.50 30.00
N GLN B 132 3.26 14.44 28.93
CA GLN B 132 4.57 15.05 28.90
C GLN B 132 4.48 16.36 28.14
N GLU B 133 4.99 17.43 28.74
CA GLU B 133 4.83 18.78 28.19
C GLU B 133 6.14 19.51 27.96
N PHE B 134 7.08 19.43 28.90
CA PHE B 134 8.30 20.22 28.81
C PHE B 134 9.44 19.36 28.27
N LYS B 135 10.55 20.04 27.94
CA LYS B 135 11.72 19.35 27.44
C LYS B 135 12.30 18.42 28.50
N SER B 136 12.91 17.33 28.02
CA SER B 136 13.52 16.26 28.82
C SER B 136 12.48 15.39 29.52
N ASP B 137 11.19 15.64 29.31
CA ASP B 137 10.16 14.75 29.87
C ASP B 137 10.24 13.39 29.20
N THR B 138 10.16 12.33 30.00
CA THR B 138 10.33 11.00 29.46
C THR B 138 9.75 9.97 30.41
N HIS B 139 9.34 8.84 29.84
CA HIS B 139 8.98 7.65 30.59
C HIS B 139 10.16 6.70 30.44
N GLY B 140 11.02 6.66 31.46
CA GLY B 140 12.31 5.99 31.36
C GLY B 140 12.16 4.48 31.18
N TRP B 141 13.27 3.87 30.80
CA TRP B 141 13.33 2.43 30.57
C TRP B 141 12.72 1.67 31.73
N HIS B 142 11.83 0.73 31.42
CA HIS B 142 11.15 -0.02 32.47
C HIS B 142 10.50 -1.24 31.85
N TRP B 143 9.95 -2.09 32.72
CA TRP B 143 9.07 -3.18 32.36
C TRP B 143 7.72 -2.97 33.05
N GLY B 144 6.73 -3.73 32.60
CA GLY B 144 5.43 -3.74 33.23
C GLY B 144 5.26 -4.93 34.16
N ASP B 145 4.50 -4.74 35.23
CA ASP B 145 4.18 -5.85 36.12
C ASP B 145 3.27 -6.86 35.44
N TYR B 146 2.35 -6.42 34.59
CA TYR B 146 1.40 -7.29 33.92
C TYR B 146 1.81 -7.55 32.47
N SER B 147 1.10 -8.46 31.82
CA SER B 147 1.50 -8.93 30.50
C SER B 147 1.19 -7.93 29.39
N PHE B 148 -0.03 -7.37 29.39
CA PHE B 148 -0.52 -6.63 28.23
C PHE B 148 -0.89 -5.19 28.59
N ALA B 149 -0.75 -4.31 27.60
CA ALA B 149 -1.25 -2.94 27.74
C ALA B 149 -1.60 -2.41 26.35
N LEU B 150 -2.81 -1.87 26.21
CA LEU B 150 -3.24 -1.19 24.99
C LEU B 150 -3.01 0.31 25.21
N ILE B 151 -2.11 0.88 24.43
CA ILE B 151 -1.71 2.27 24.60
C ILE B 151 -2.39 3.11 23.53
N TRP B 152 -3.04 4.18 23.94
CA TRP B 152 -3.72 5.11 23.03
C TRP B 152 -2.79 6.30 22.83
N ALA B 153 -2.15 6.37 21.67
CA ALA B 153 -1.29 7.52 21.33
C ALA B 153 -2.20 8.67 20.92
N LEU B 154 -2.75 9.35 21.93
CA LEU B 154 -3.79 10.35 21.71
C LEU B 154 -3.22 11.59 21.03
N ARG B 155 -2.18 12.17 21.62
CA ARG B 155 -1.50 13.33 21.07
C ARG B 155 0.00 13.07 21.09
N MET B 156 0.62 13.09 19.90
CA MET B 156 2.06 12.90 19.77
C MET B 156 2.71 14.14 19.15
N PRO B 157 3.89 14.52 19.60
CA PRO B 157 4.60 15.64 18.98
C PRO B 157 5.12 15.25 17.61
N PRO B 158 5.71 16.18 16.85
CA PRO B 158 6.40 15.77 15.63
C PRO B 158 7.57 14.87 15.98
N ILE B 159 7.90 13.97 15.05
CA ILE B 159 8.91 12.95 15.34
C ILE B 159 10.27 13.59 15.63
N GLU B 160 10.52 14.78 15.08
CA GLU B 160 11.77 15.48 15.31
C GLU B 160 11.88 16.03 16.73
N HIS B 161 10.80 16.01 17.52
CA HIS B 161 10.84 16.50 18.89
C HIS B 161 10.96 15.39 19.92
N GLY B 162 11.21 14.16 19.49
CA GLY B 162 11.26 13.03 20.40
C GLY B 162 9.89 12.43 20.63
N GLY B 163 9.77 11.71 21.74
CA GLY B 163 8.52 11.09 22.14
C GLY B 163 8.26 9.72 21.55
N MET B 164 9.16 9.19 20.72
CA MET B 164 8.98 7.86 20.17
C MET B 164 9.06 6.81 21.27
N LEU B 165 8.53 5.63 20.98
CA LEU B 165 8.63 4.49 21.87
C LEU B 165 9.80 3.63 21.42
N GLN B 166 10.76 3.41 22.33
CA GLN B 166 11.84 2.47 22.10
C GLN B 166 11.57 1.19 22.87
N ALA B 167 11.98 0.06 22.29
CA ALA B 167 11.61 -1.23 22.84
C ALA B 167 12.69 -2.25 22.57
N VAL B 168 12.90 -3.14 23.55
CA VAL B 168 13.75 -4.32 23.40
C VAL B 168 12.93 -5.53 23.83
N PRO B 169 12.44 -6.33 22.89
CA PRO B 169 11.60 -7.47 23.24
C PRO B 169 12.44 -8.66 23.71
N HIS B 170 11.73 -9.67 24.23
CA HIS B 170 12.34 -10.92 24.69
C HIS B 170 13.34 -10.67 25.82
N THR B 171 12.89 -9.92 26.82
CA THR B 171 13.64 -9.70 28.05
C THR B 171 12.74 -9.97 29.24
N HIS B 172 13.19 -9.62 30.43
CA HIS B 172 12.37 -9.81 31.62
C HIS B 172 12.85 -8.85 32.70
N TRP B 173 11.96 -8.57 33.63
CA TRP B 173 12.19 -7.62 34.70
C TRP B 173 12.72 -8.35 35.93
N ASP B 174 13.97 -8.08 36.28
CA ASP B 174 14.57 -8.54 37.54
C ASP B 174 14.73 -7.29 38.40
N LYS B 175 13.83 -7.12 39.37
CA LYS B 175 13.83 -5.90 40.16
C LYS B 175 15.05 -5.82 41.07
N SER B 176 15.59 -6.96 41.51
CA SER B 176 16.80 -6.93 42.33
C SER B 176 18.04 -6.58 41.51
N ASN B 177 17.97 -6.69 40.18
CA ASN B 177 19.10 -6.37 39.32
C ASN B 177 18.61 -6.14 37.90
N PRO B 178 18.10 -4.94 37.58
CA PRO B 178 17.46 -4.75 36.26
C PRO B 178 18.40 -4.91 35.08
N ARG B 179 19.67 -4.50 35.22
CA ARG B 179 20.65 -4.59 34.14
C ARG B 179 20.14 -3.91 32.87
N ILE B 180 19.59 -2.70 33.03
CA ILE B 180 18.99 -2.01 31.90
C ILE B 180 20.05 -1.65 30.86
N ASN B 181 21.09 -0.91 31.28
CA ASN B 181 22.14 -0.52 30.34
C ASN B 181 22.92 -1.72 29.82
N GLN B 182 23.05 -2.79 30.61
CA GLN B 182 23.73 -3.97 30.13
C GLN B 182 22.91 -4.67 29.05
N THR B 183 21.58 -4.71 29.21
CA THR B 183 20.74 -5.35 28.21
C THR B 183 20.81 -4.62 26.87
N LEU B 184 20.81 -3.29 26.90
CA LEU B 184 20.95 -2.51 25.67
C LEU B 184 22.26 -2.82 24.95
N CYS B 185 23.34 -3.03 25.72
N CYS B 185 23.34 -3.02 25.70
CA CYS B 185 24.63 -3.39 25.12
CA CYS B 185 24.61 -3.39 25.08
C CYS B 185 24.57 -4.73 24.40
C CYS B 185 24.49 -4.70 24.33
N GLU B 186 23.64 -5.61 24.79
CA GLU B 186 23.57 -6.97 24.26
C GLU B 186 22.45 -7.17 23.26
N ARG B 187 21.57 -6.18 23.06
CA ARG B 187 20.38 -6.34 22.24
C ARG B 187 20.16 -5.08 21.40
N GLU B 188 19.55 -5.27 20.22
CA GLU B 188 19.20 -4.15 19.36
C GLU B 188 17.94 -3.46 19.88
N ILE B 189 17.91 -2.14 19.77
CA ILE B 189 16.76 -1.34 20.16
C ILE B 189 15.88 -1.11 18.92
N ASN B 190 14.58 -1.37 19.06
CA ASN B 190 13.59 -1.01 18.06
C ASN B 190 12.94 0.31 18.46
N THR B 191 13.01 1.30 17.58
CA THR B 191 12.38 2.59 17.83
C THR B 191 11.09 2.66 17.04
N HIS B 192 9.98 2.86 17.72
CA HIS B 192 8.66 2.88 17.11
C HIS B 192 8.12 4.31 17.19
N GLY B 193 8.15 5.00 16.05
CA GLY B 193 7.50 6.30 15.97
C GLY B 193 5.99 6.15 15.93
N LEU B 194 5.31 7.14 16.50
CA LEU B 194 3.85 7.13 16.55
C LEU B 194 3.32 8.50 16.13
N GLU B 195 2.10 8.50 15.61
CA GLU B 195 1.39 9.70 15.22
C GLU B 195 0.08 9.79 15.99
N SER B 196 -0.39 11.02 16.20
CA SER B 196 -1.64 11.25 16.90
C SER B 196 -2.75 10.40 16.27
N GLY B 197 -3.52 9.73 17.13
CA GLY B 197 -4.54 8.81 16.68
C GLY B 197 -4.15 7.34 16.68
N ASP B 198 -2.85 7.05 16.75
CA ASP B 198 -2.40 5.66 16.75
C ASP B 198 -2.71 4.97 18.07
N LEU B 199 -2.88 3.65 18.01
CA LEU B 199 -2.91 2.80 19.18
C LEU B 199 -1.94 1.64 18.95
N TYR B 200 -1.44 1.07 20.03
CA TYR B 200 -0.54 -0.07 19.87
C TYR B 200 -0.63 -0.98 21.08
N LEU B 201 -0.56 -2.29 20.81
CA LEU B 201 -0.58 -3.29 21.86
C LEU B 201 0.86 -3.62 22.24
N LEU B 202 1.15 -3.55 23.54
CA LEU B 202 2.50 -3.74 24.05
C LEU B 202 2.51 -4.92 25.02
N ARG B 203 3.44 -5.85 24.79
CA ARG B 203 3.69 -6.97 25.71
C ARG B 203 4.63 -6.44 26.78
N THR B 204 4.05 -5.91 27.86
CA THR B 204 4.79 -5.06 28.79
C THR B 204 5.74 -5.84 29.70
N ASP B 205 5.50 -7.13 29.92
CA ASP B 205 6.31 -7.85 30.89
C ASP B 205 7.61 -8.40 30.30
N THR B 206 7.68 -8.59 28.99
CA THR B 206 8.89 -9.12 28.37
C THR B 206 9.52 -8.16 27.37
N THR B 207 9.07 -6.91 27.33
CA THR B 207 9.62 -5.91 26.42
C THR B 207 10.10 -4.74 27.26
N LEU B 208 11.41 -4.52 27.26
CA LEU B 208 11.98 -3.34 27.90
C LEU B 208 11.71 -2.13 27.02
N HIS B 209 11.04 -1.12 27.57
CA HIS B 209 10.57 -0.02 26.74
C HIS B 209 10.66 1.30 27.49
N ARG B 210 10.70 2.38 26.70
CA ARG B 210 10.70 3.74 27.22
C ARG B 210 10.16 4.67 26.12
N THR B 211 9.93 5.93 26.51
CA THR B 211 9.62 6.97 25.55
C THR B 211 10.83 7.89 25.42
N VAL B 212 11.20 8.21 24.18
CA VAL B 212 12.33 9.10 23.95
C VAL B 212 12.02 10.47 24.55
N PRO B 213 12.93 11.07 25.29
CA PRO B 213 12.64 12.38 25.89
C PRO B 213 12.31 13.41 24.81
N LEU B 214 11.49 14.38 25.20
CA LEU B 214 11.13 15.48 24.32
C LEU B 214 12.31 16.45 24.23
N SER B 215 12.82 16.66 23.02
CA SER B 215 13.94 17.57 22.84
C SER B 215 13.53 19.02 23.01
N GLU B 216 12.23 19.31 22.97
CA GLU B 216 11.73 20.66 23.19
C GLU B 216 10.31 20.56 23.74
N ASP B 217 9.81 21.69 24.22
CA ASP B 217 8.47 21.73 24.81
C ASP B 217 7.42 21.33 23.78
N SER B 218 6.71 20.24 24.06
CA SER B 218 5.65 19.78 23.18
C SER B 218 4.47 19.28 23.99
N THR B 219 3.76 18.29 23.46
CA THR B 219 2.62 17.70 24.16
C THR B 219 2.54 16.23 23.77
N ARG B 220 2.69 15.35 24.75
CA ARG B 220 2.62 13.91 24.53
C ARG B 220 1.63 13.34 25.53
N THR B 221 0.45 12.96 25.05
CA THR B 221 -0.61 12.43 25.90
C THR B 221 -0.99 11.05 25.42
N ILE B 222 -0.92 10.07 26.34
CA ILE B 222 -1.28 8.70 26.03
C ILE B 222 -2.17 8.17 27.14
N LEU B 223 -3.04 7.24 26.77
CA LEU B 223 -3.86 6.49 27.70
C LEU B 223 -3.40 5.04 27.70
N VAL B 224 -3.26 4.45 28.89
CA VAL B 224 -2.80 3.08 29.04
C VAL B 224 -3.93 2.26 29.63
N MET B 225 -4.30 1.18 28.96
CA MET B 225 -5.20 0.18 29.50
C MET B 225 -4.37 -1.06 29.81
N THR B 226 -4.20 -1.37 31.09
CA THR B 226 -3.41 -2.51 31.51
C THR B 226 -4.31 -3.72 31.70
N TRP B 227 -3.91 -4.84 31.12
CA TRP B 227 -4.62 -6.09 31.26
C TRP B 227 -3.65 -7.17 31.73
N ALA B 228 -4.22 -8.26 32.22
CA ALA B 228 -3.47 -9.38 32.74
C ALA B 228 -3.65 -10.60 31.84
N ALA B 229 -2.67 -11.49 31.91
CA ALA B 229 -2.77 -12.83 31.34
C ALA B 229 -2.94 -13.83 32.48
N LYS B 230 -3.12 -15.10 32.11
CA LYS B 230 -3.28 -16.12 33.14
C LYS B 230 -2.07 -16.19 34.06
N ARG B 231 -0.87 -15.90 33.54
CA ARG B 231 0.35 -15.99 34.33
C ARG B 231 0.43 -14.89 35.40
N ASP B 232 -0.33 -13.80 35.25
CA ASP B 232 -0.31 -12.69 36.18
C ASP B 232 -1.25 -12.87 37.37
N LEU B 233 -2.19 -13.82 37.29
CA LEU B 233 -3.15 -14.04 38.36
C LEU B 233 -2.65 -15.03 39.42
N LYS B 235 0.24 -14.51 41.39
CA LYS B 235 1.39 -13.62 41.36
C LYS B 235 1.21 -12.42 42.28
N ASP B 236 2.15 -12.22 43.19
CA ASP B 236 2.12 -11.14 44.17
C ASP B 236 2.94 -9.96 43.67
N LEU B 237 2.40 -8.75 43.85
CA LEU B 237 3.09 -7.54 43.41
C LEU B 237 4.20 -7.19 44.41
N VAL B 238 5.41 -7.00 43.89
CA VAL B 238 6.57 -6.66 44.71
C VAL B 238 7.29 -5.47 44.09
N GLY B 239 8.19 -4.88 44.88
CA GLY B 239 9.06 -3.80 44.43
C GLY B 239 8.83 -2.49 45.18
N ASN B 240 7.60 -2.24 45.62
CA ASN B 240 7.23 -0.96 46.23
C ASN B 240 7.67 0.20 45.35
N ASP B 241 7.33 0.10 44.07
CA ASP B 241 7.79 1.04 43.05
C ASP B 241 6.60 1.57 42.23
N ARG B 242 5.47 1.78 42.88
CA ARG B 242 4.27 2.24 42.19
C ARG B 242 4.22 3.78 42.21
N TRP B 243 5.14 4.36 41.43
CA TRP B 243 5.33 5.80 41.43
C TRP B 243 4.15 6.57 40.82
N TRP B 244 3.34 5.91 39.98
CA TRP B 244 2.20 6.61 39.39
C TRP B 244 1.11 6.89 40.40
N GLU B 245 0.91 5.98 41.36
CA GLU B 245 -0.08 6.21 42.42
C GLU B 245 0.56 6.95 43.61
N ASN B 246 1.61 6.37 44.19
CA ASN B 246 2.32 6.98 45.30
C ASN B 246 3.61 7.61 44.79
N PRO B 247 3.73 8.94 44.76
CA PRO B 247 4.97 9.53 44.24
C PRO B 247 6.18 9.32 45.14
N GLU B 248 5.98 9.14 46.43
CA GLU B 248 7.09 8.87 47.36
C GLU B 248 7.14 7.41 47.74
N ALA B 249 7.10 6.53 46.74
CA ALA B 249 7.19 5.09 46.98
C ALA B 249 8.58 4.73 47.52
N GLU B 250 8.71 3.51 48.01
CA GLU B 250 9.96 3.10 48.64
C GLU B 250 11.09 2.98 47.62
N ALA B 251 10.77 2.97 46.33
CA ALA B 251 11.75 2.90 45.26
C ALA B 251 11.85 4.20 44.47
N ALA B 252 11.01 5.19 44.76
CA ALA B 252 10.98 6.43 43.98
C ALA B 252 11.92 7.43 44.64
N ARG B 253 13.12 7.56 44.09
CA ARG B 253 14.10 8.53 44.54
C ARG B 253 14.02 9.79 43.68
N ALA B 254 14.17 10.95 44.31
CA ALA B 254 14.13 12.21 43.58
C ALA B 254 15.49 12.91 43.64
N ASN C 2 -9.15 -37.03 -1.92
CA ASN C 2 -9.88 -35.77 -2.07
C ASN C 2 -11.39 -35.98 -2.05
N VAL C 3 -12.03 -35.76 -3.20
CA VAL C 3 -13.47 -35.90 -3.37
C VAL C 3 -14.20 -34.98 -2.40
N GLU C 4 -14.59 -35.51 -1.24
CA GLU C 4 -15.28 -34.73 -0.22
C GLU C 4 -14.33 -33.87 0.60
N GLN C 5 -13.02 -34.03 0.44
CA GLN C 5 -12.05 -33.20 1.14
C GLN C 5 -11.96 -31.80 0.55
N ILE C 6 -12.42 -31.61 -0.70
CA ILE C 6 -12.35 -30.29 -1.32
C ILE C 6 -13.21 -29.31 -0.55
N ASP C 7 -14.39 -29.75 -0.09
CA ASP C 7 -15.30 -28.83 0.62
C ASP C 7 -14.72 -28.42 1.97
N GLU C 8 -14.20 -29.39 2.74
CA GLU C 8 -13.62 -29.05 4.04
C GLU C 8 -12.40 -28.15 3.89
N ASN C 9 -11.61 -28.36 2.84
CA ASN C 9 -10.45 -27.51 2.59
C ASN C 9 -10.87 -26.13 2.10
N LEU C 10 -11.85 -26.07 1.19
CA LEU C 10 -12.28 -24.77 0.69
C LEU C 10 -13.00 -23.96 1.76
N ALA C 11 -13.80 -24.64 2.59
CA ALA C 11 -14.51 -23.94 3.66
C ALA C 11 -13.53 -23.36 4.69
N LYS C 12 -12.48 -24.13 5.02
CA LYS C 12 -11.48 -23.62 5.95
C LYS C 12 -10.62 -22.54 5.31
N PHE C 13 -10.30 -22.68 4.03
CA PHE C 13 -9.51 -21.67 3.33
C PHE C 13 -10.25 -20.34 3.27
N LEU C 14 -11.54 -20.37 2.91
CA LEU C 14 -12.29 -19.13 2.73
C LEU C 14 -12.71 -18.50 4.05
N ALA C 15 -12.98 -19.30 5.07
CA ALA C 15 -13.41 -18.74 6.35
C ALA C 15 -12.31 -17.92 7.01
N GLU C 16 -11.04 -18.18 6.69
CA GLU C 16 -9.93 -17.44 7.27
C GLU C 16 -9.60 -16.15 6.51
N ARG C 17 -10.18 -15.94 5.33
CA ARG C 17 -9.87 -14.77 4.50
C ARG C 17 -11.07 -13.89 4.22
N TYR C 18 -12.24 -14.22 4.77
CA TYR C 18 -13.46 -13.49 4.45
C TYR C 18 -14.36 -13.44 5.68
N THR C 19 -15.02 -12.30 5.85
CA THR C 19 -16.09 -12.10 6.80
C THR C 19 -17.35 -11.76 6.01
N PRO C 20 -18.54 -11.97 6.58
CA PRO C 20 -19.76 -11.55 5.86
C PRO C 20 -19.75 -10.07 5.52
N GLU C 21 -19.07 -9.25 6.32
CA GLU C 21 -18.99 -7.82 6.01
C GLU C 21 -18.13 -7.55 4.78
N SER C 22 -16.99 -8.24 4.66
CA SER C 22 -16.14 -8.00 3.49
C SER C 22 -16.72 -8.63 2.23
N VAL C 23 -17.44 -9.76 2.37
CA VAL C 23 -18.14 -10.34 1.23
C VAL C 23 -19.24 -9.41 0.75
N ALA C 24 -19.89 -8.69 1.67
CA ALA C 24 -20.87 -7.69 1.28
C ALA C 24 -20.22 -6.60 0.43
N GLN C 25 -18.98 -6.23 0.75
CA GLN C 25 -18.29 -5.22 -0.08
C GLN C 25 -18.02 -5.76 -1.47
N LEU C 26 -17.73 -7.05 -1.58
CA LEU C 26 -17.57 -7.66 -2.90
C LEU C 26 -18.89 -7.73 -3.64
N ALA C 27 -20.00 -7.95 -2.92
CA ALA C 27 -21.31 -8.01 -3.57
C ALA C 27 -21.67 -6.67 -4.19
N ASP C 28 -21.32 -5.57 -3.51
CA ASP C 28 -21.50 -4.25 -4.09
C ASP C 28 -20.71 -4.11 -5.38
N ARG C 29 -19.41 -4.45 -5.34
CA ARG C 29 -18.58 -4.33 -6.54
C ARG C 29 -19.09 -5.22 -7.67
N PHE C 30 -19.67 -6.39 -7.34
CA PHE C 30 -20.15 -7.27 -8.38
C PHE C 30 -21.40 -6.71 -9.05
N HIS C 31 -22.29 -6.09 -8.27
CA HIS C 31 -23.46 -5.47 -8.87
C HIS C 31 -23.10 -4.20 -9.62
N ARG C 32 -22.01 -3.54 -9.23
CA ARG C 32 -21.65 -2.27 -9.84
C ARG C 32 -20.99 -2.48 -11.20
N PHE C 33 -20.02 -3.39 -11.28
CA PHE C 33 -19.25 -3.59 -12.50
C PHE C 33 -19.59 -4.88 -13.23
N GLY C 34 -20.52 -5.66 -12.70
CA GLY C 34 -20.75 -6.99 -13.26
C GLY C 34 -19.55 -7.89 -13.21
N PHE C 35 -18.62 -7.65 -12.27
CA PHE C 35 -17.30 -8.28 -12.30
C PHE C 35 -16.65 -8.11 -10.94
N VAL C 36 -15.99 -9.17 -10.46
CA VAL C 36 -15.18 -9.09 -9.25
C VAL C 36 -14.02 -10.06 -9.38
N LYS C 37 -12.80 -9.56 -9.17
CA LYS C 37 -11.58 -10.32 -9.38
C LYS C 37 -11.13 -10.95 -8.08
N PHE C 38 -10.71 -12.21 -8.16
CA PHE C 38 -10.08 -12.91 -7.04
C PHE C 38 -8.60 -13.02 -7.39
N ASP C 39 -7.81 -12.07 -6.85
CA ASP C 39 -6.40 -11.95 -7.16
C ASP C 39 -5.58 -12.27 -5.90
N ALA C 40 -4.34 -11.79 -5.85
CA ALA C 40 -3.47 -12.07 -4.71
C ALA C 40 -4.03 -11.49 -3.41
N ALA C 41 -4.90 -10.49 -3.49
CA ALA C 41 -5.49 -9.88 -2.31
C ALA C 41 -6.78 -10.56 -1.87
N ASN C 42 -7.42 -11.33 -2.75
CA ASN C 42 -8.72 -11.94 -2.46
C ASN C 42 -8.76 -13.32 -3.11
N ARG C 43 -7.92 -14.23 -2.61
CA ARG C 43 -7.88 -15.58 -3.16
C ARG C 43 -9.21 -16.29 -2.94
N LEU C 44 -9.53 -17.18 -3.88
CA LEU C 44 -10.76 -17.96 -3.83
C LEU C 44 -10.52 -19.44 -3.57
N VAL C 45 -9.47 -20.02 -4.13
CA VAL C 45 -9.15 -21.43 -3.90
C VAL C 45 -7.71 -21.57 -3.42
N PRO C 46 -7.37 -22.61 -2.66
CA PRO C 46 -5.98 -22.83 -2.28
C PRO C 46 -5.10 -23.10 -3.49
N ASP C 47 -3.80 -22.86 -3.33
CA ASP C 47 -2.87 -23.00 -4.45
C ASP C 47 -2.86 -24.41 -5.01
N GLU C 48 -3.07 -25.42 -4.15
CA GLU C 48 -3.07 -26.80 -4.64
C GLU C 48 -4.26 -27.05 -5.56
N LEU C 49 -5.44 -26.55 -5.19
CA LEU C 49 -6.62 -26.78 -6.01
C LEU C 49 -6.49 -26.10 -7.37
N GLN C 50 -5.89 -24.91 -7.40
CA GLN C 50 -5.64 -24.24 -8.67
C GLN C 50 -4.67 -25.02 -9.54
N THR C 51 -3.58 -25.52 -8.94
CA THR C 51 -2.61 -26.30 -9.70
C THR C 51 -3.25 -27.54 -10.31
N ALA C 52 -4.05 -28.27 -9.51
CA ALA C 52 -4.71 -29.47 -10.02
C ALA C 52 -5.67 -29.13 -11.15
N VAL C 53 -6.41 -28.02 -11.04
CA VAL C 53 -7.33 -27.62 -12.08
C VAL C 53 -6.57 -27.20 -13.34
N ARG C 54 -5.52 -26.40 -13.18
CA ARG C 54 -4.72 -25.99 -14.34
C ARG C 54 -4.02 -27.18 -14.98
N GLU C 55 -3.50 -28.10 -14.16
CA GLU C 55 -2.84 -29.29 -14.70
C GLU C 55 -3.82 -30.16 -15.46
N GLU C 56 -5.04 -30.32 -14.95
CA GLU C 56 -6.07 -31.04 -15.68
C GLU C 56 -6.46 -30.29 -16.96
N CYS C 57 -6.54 -28.96 -16.89
CA CYS C 57 -6.91 -28.19 -18.07
C CYS C 57 -5.82 -28.21 -19.13
N ASP C 58 -4.56 -28.36 -18.73
CA ASP C 58 -3.47 -28.44 -19.69
C ASP C 58 -3.56 -29.71 -20.52
N LEU C 59 -3.92 -30.83 -19.89
CA LEU C 59 -4.06 -32.08 -20.63
C LEU C 59 -5.23 -32.03 -21.59
N LEU C 60 -6.37 -31.47 -21.14
CA LEU C 60 -7.54 -31.39 -22.01
C LEU C 60 -7.28 -30.49 -23.21
N ILE C 61 -6.34 -29.55 -23.09
CA ILE C 61 -6.01 -28.67 -24.20
C ILE C 61 -5.18 -29.41 -25.24
N GLU C 62 -4.14 -30.13 -24.79
CA GLU C 62 -3.27 -30.84 -25.72
C GLU C 62 -3.99 -31.99 -26.41
N GLN C 63 -4.92 -32.64 -25.72
CA GLN C 63 -5.56 -33.82 -26.28
C GLN C 63 -6.63 -33.45 -27.30
N HIS C 64 -7.49 -32.49 -26.96
CA HIS C 64 -8.67 -32.16 -27.78
C HIS C 64 -8.78 -30.65 -27.90
N LYS C 65 -7.94 -30.07 -28.75
CA LYS C 65 -8.00 -28.65 -29.08
C LYS C 65 -8.74 -28.47 -30.40
N GLU C 66 -9.74 -27.61 -30.40
CA GLU C 66 -10.51 -27.27 -31.60
C GLU C 66 -10.45 -25.77 -31.79
N ARG C 67 -9.92 -25.34 -32.93
CA ARG C 67 -9.77 -23.92 -33.21
C ARG C 67 -11.04 -23.35 -33.84
N ARG C 68 -11.40 -22.15 -33.40
CA ARG C 68 -12.54 -21.40 -33.94
C ARG C 68 -12.05 -20.09 -34.54
N ASN C 69 -12.66 -19.69 -35.66
CA ASN C 69 -12.29 -18.43 -36.31
C ASN C 69 -13.43 -17.99 -37.21
N LEU C 70 -14.50 -17.46 -36.62
CA LEU C 70 -15.67 -17.02 -37.35
C LEU C 70 -16.22 -15.77 -36.72
N LEU C 71 -17.29 -15.25 -37.30
CA LEU C 71 -18.00 -14.07 -36.81
C LEU C 71 -19.40 -14.49 -36.41
N LEU C 72 -19.86 -14.03 -35.25
CA LEU C 72 -21.17 -14.40 -34.73
C LEU C 72 -22.18 -13.31 -35.08
N SER C 73 -23.20 -13.67 -35.87
CA SER C 73 -24.18 -12.68 -36.32
C SER C 73 -25.00 -12.13 -35.16
N THR C 74 -25.30 -12.95 -34.16
CA THR C 74 -26.09 -12.51 -33.01
C THR C 74 -25.34 -11.59 -32.07
N THR C 75 -24.06 -11.31 -32.34
CA THR C 75 -23.28 -10.33 -31.60
C THR C 75 -22.60 -9.38 -32.57
N GLY C 76 -23.37 -8.89 -33.54
CA GLY C 76 -22.88 -7.88 -34.48
C GLY C 76 -21.67 -8.29 -35.29
N ASN C 77 -21.55 -9.58 -35.62
CA ASN C 77 -20.41 -10.11 -36.37
C ASN C 77 -19.08 -9.84 -35.65
N THR C 78 -19.09 -9.95 -34.33
CA THR C 78 -17.86 -9.80 -33.58
C THR C 78 -17.01 -11.08 -33.71
N PRO C 79 -15.70 -10.95 -33.82
CA PRO C 79 -14.87 -12.12 -34.13
C PRO C 79 -14.66 -13.02 -32.93
N ARG C 80 -14.43 -14.31 -33.23
CA ARG C 80 -14.15 -15.36 -32.24
C ARG C 80 -12.97 -16.16 -32.75
N ARG C 81 -11.76 -15.64 -32.55
CA ARG C 81 -10.53 -16.28 -33.02
C ARG C 81 -9.80 -16.87 -31.82
N MET C 82 -9.95 -18.18 -31.63
CA MET C 82 -9.33 -18.88 -30.50
C MET C 82 -9.46 -20.37 -30.74
N SER C 83 -8.81 -21.14 -29.85
CA SER C 83 -9.04 -22.57 -29.73
C SER C 83 -9.84 -22.85 -28.47
N VAL C 84 -10.70 -23.87 -28.53
CA VAL C 84 -11.61 -24.19 -27.44
C VAL C 84 -11.64 -25.68 -27.20
N VAL C 85 -12.17 -26.06 -26.03
CA VAL C 85 -12.40 -27.45 -25.67
C VAL C 85 -13.87 -27.60 -25.30
N LYS C 86 -14.53 -28.61 -25.85
CA LYS C 86 -15.96 -28.77 -25.66
C LYS C 86 -16.31 -29.02 -24.19
N SER C 87 -17.57 -28.76 -23.86
CA SER C 87 -18.03 -28.92 -22.48
C SER C 87 -18.12 -30.39 -22.06
N GLU C 88 -18.68 -31.23 -22.93
CA GLU C 88 -18.82 -32.64 -22.59
C GLU C 88 -17.47 -33.29 -22.34
N GLU C 89 -16.41 -32.74 -22.93
CA GLU C 89 -15.06 -33.25 -22.68
C GLU C 89 -14.61 -32.92 -21.26
N ILE C 90 -14.79 -31.66 -20.86
CA ILE C 90 -14.37 -31.23 -19.52
C ILE C 90 -15.20 -31.92 -18.44
N GLU C 91 -16.44 -32.31 -18.77
CA GLU C 91 -17.28 -32.99 -17.78
C GLU C 91 -16.70 -34.33 -17.36
N LYS C 92 -15.85 -34.94 -18.20
CA LYS C 92 -15.22 -36.19 -17.83
C LYS C 92 -14.27 -36.02 -16.66
N SER C 93 -13.67 -34.84 -16.50
CA SER C 93 -12.78 -34.58 -15.38
C SER C 93 -13.59 -34.51 -14.09
N GLU C 94 -13.36 -35.46 -13.18
CA GLU C 94 -14.12 -35.49 -11.93
C GLU C 94 -13.82 -34.27 -11.07
N LEU C 95 -12.62 -33.69 -11.20
CA LEU C 95 -12.26 -32.56 -10.36
C LEU C 95 -13.05 -31.31 -10.73
N ILE C 96 -13.14 -31.02 -12.03
CA ILE C 96 -13.83 -29.80 -12.46
C ILE C 96 -15.34 -29.95 -12.28
N SER C 97 -15.89 -31.13 -12.58
CA SER C 97 -17.31 -31.35 -12.40
C SER C 97 -17.72 -31.26 -10.93
N THR C 98 -16.91 -31.81 -10.03
CA THR C 98 -17.28 -31.79 -8.61
C THR C 98 -17.12 -30.40 -8.02
N LEU C 99 -16.08 -29.68 -8.40
CA LEU C 99 -15.91 -28.29 -7.99
C LEU C 99 -16.96 -27.38 -8.59
N SER C 100 -17.57 -27.77 -9.71
CA SER C 100 -18.59 -26.91 -10.32
C SER C 100 -19.89 -26.93 -9.53
N ARG C 101 -20.16 -28.04 -8.83
CA ARG C 101 -21.36 -28.15 -8.01
C ARG C 101 -21.08 -28.09 -6.53
N SER C 102 -19.86 -27.69 -6.14
CA SER C 102 -19.47 -27.71 -4.74
C SER C 102 -20.31 -26.76 -3.92
N GLU C 103 -21.07 -27.30 -2.97
CA GLU C 103 -21.93 -26.46 -2.13
C GLU C 103 -21.14 -25.38 -1.38
N VAL C 104 -19.84 -25.60 -1.15
CA VAL C 104 -19.02 -24.58 -0.51
C VAL C 104 -18.69 -23.45 -1.49
N LEU C 105 -18.37 -23.79 -2.73
CA LEU C 105 -18.01 -22.76 -3.71
C LEU C 105 -19.24 -21.95 -4.13
N LEU C 106 -20.32 -22.63 -4.53
CA LEU C 106 -21.54 -21.90 -4.86
C LEU C 106 -22.13 -21.21 -3.64
N GLY C 107 -21.91 -21.75 -2.44
CA GLY C 107 -22.41 -21.12 -1.23
C GLY C 107 -21.70 -19.83 -0.91
N PHE C 108 -20.38 -19.79 -1.08
CA PHE C 108 -19.65 -18.56 -0.83
C PHE C 108 -19.95 -17.51 -1.88
N LEU C 109 -19.95 -17.90 -3.16
CA LEU C 109 -20.18 -16.96 -4.25
C LEU C 109 -21.60 -16.42 -4.26
N ALA C 110 -22.55 -17.15 -3.65
CA ALA C 110 -23.92 -16.64 -3.57
C ALA C 110 -24.00 -15.38 -2.73
N GLY C 111 -23.10 -15.22 -1.76
CA GLY C 111 -23.05 -13.97 -1.01
C GLY C 111 -22.60 -12.79 -1.84
N ILE C 112 -21.93 -13.03 -2.96
CA ILE C 112 -21.48 -11.96 -3.83
C ILE C 112 -22.55 -11.60 -4.86
N THR C 113 -23.22 -12.61 -5.42
CA THR C 113 -24.34 -12.39 -6.31
C THR C 113 -25.61 -12.02 -5.56
N ARG C 114 -25.70 -12.37 -4.27
CA ARG C 114 -26.89 -12.15 -3.44
C ARG C 114 -28.10 -12.92 -3.94
N GLU C 115 -27.89 -13.93 -4.79
CA GLU C 115 -28.97 -14.78 -5.25
C GLU C 115 -28.44 -16.19 -5.49
N GLU C 116 -29.37 -17.14 -5.54
CA GLU C 116 -29.00 -18.54 -5.66
C GLU C 116 -28.31 -18.82 -6.99
N ILE C 117 -27.25 -19.62 -6.92
CA ILE C 117 -26.46 -20.03 -8.08
C ILE C 117 -26.79 -21.49 -8.34
N ILE C 118 -27.40 -21.79 -9.47
CA ILE C 118 -27.91 -23.13 -9.74
C ILE C 118 -27.00 -23.78 -10.78
N PRO C 119 -26.35 -24.90 -10.48
CA PRO C 119 -25.46 -25.49 -11.48
C PRO C 119 -26.21 -26.36 -12.47
N GLU C 120 -27.33 -25.86 -13.01
CA GLU C 120 -28.11 -26.57 -14.02
C GLU C 120 -28.11 -25.73 -15.28
N VAL C 121 -27.19 -26.04 -16.19
CA VAL C 121 -27.08 -25.35 -17.46
C VAL C 121 -27.06 -26.38 -18.57
N SER C 122 -26.99 -25.89 -19.81
CA SER C 122 -26.91 -26.77 -20.97
C SER C 122 -25.66 -27.63 -20.91
N SER C 123 -25.78 -28.84 -21.45
CA SER C 123 -24.68 -29.81 -21.41
C SER C 123 -23.50 -29.34 -22.25
N ASP C 124 -23.74 -28.55 -23.30
CA ASP C 124 -22.68 -28.06 -24.16
C ASP C 124 -22.08 -26.74 -23.70
N GLU C 125 -22.62 -26.14 -22.64
CA GLU C 125 -22.09 -24.88 -22.12
C GLU C 125 -21.74 -24.97 -20.63
N ARG C 126 -21.65 -26.18 -20.08
CA ARG C 126 -21.32 -26.33 -18.66
C ARG C 126 -19.92 -25.82 -18.37
N TYR C 127 -18.95 -26.21 -19.22
CA TYR C 127 -17.58 -25.79 -19.05
C TYR C 127 -17.03 -25.36 -20.40
N LEU C 128 -15.93 -24.60 -20.36
CA LEU C 128 -15.32 -24.09 -21.59
C LEU C 128 -13.89 -23.66 -21.29
N ILE C 129 -12.98 -24.04 -22.18
CA ILE C 129 -11.58 -23.65 -22.13
C ILE C 129 -11.25 -22.92 -23.42
N THR C 130 -10.66 -21.73 -23.30
CA THR C 130 -10.26 -20.96 -24.47
C THR C 130 -8.75 -20.76 -24.43
N HIS C 131 -8.08 -21.10 -25.52
CA HIS C 131 -6.63 -21.03 -25.63
C HIS C 131 -6.28 -20.19 -26.85
N GLN C 132 -5.79 -18.99 -26.62
CA GLN C 132 -5.36 -18.08 -27.68
C GLN C 132 -3.83 -18.03 -27.67
N GLU C 133 -3.22 -18.31 -28.83
CA GLU C 133 -1.77 -18.38 -28.93
C GLU C 133 -1.17 -17.46 -29.97
N PHE C 134 -1.96 -16.90 -30.87
CA PHE C 134 -1.46 -16.09 -31.97
C PHE C 134 -1.99 -14.67 -31.87
N LYS C 135 -1.42 -13.79 -32.68
CA LYS C 135 -1.85 -12.40 -32.70
C LYS C 135 -3.25 -12.28 -33.29
N SER C 136 -3.92 -11.18 -32.96
CA SER C 136 -5.27 -10.88 -33.42
C SER C 136 -6.28 -11.91 -32.95
N ASP C 137 -5.96 -12.66 -31.90
CA ASP C 137 -6.89 -13.61 -31.32
C ASP C 137 -7.67 -12.93 -30.21
N THR C 138 -8.99 -13.10 -30.23
CA THR C 138 -9.82 -12.46 -29.23
C THR C 138 -11.14 -13.23 -29.09
N HIS C 139 -11.76 -13.05 -27.94
CA HIS C 139 -13.15 -13.45 -27.71
C HIS C 139 -13.98 -12.16 -27.80
N GLY C 140 -14.51 -11.88 -29.00
CA GLY C 140 -15.13 -10.60 -29.35
C GLY C 140 -16.29 -10.11 -28.47
N TRP C 141 -16.75 -8.87 -28.66
CA TRP C 141 -17.82 -8.34 -27.81
C TRP C 141 -19.04 -9.25 -27.84
N HIS C 142 -19.61 -9.54 -26.67
CA HIS C 142 -20.78 -10.42 -26.57
C HIS C 142 -21.34 -10.42 -25.15
N TRP C 143 -22.48 -11.07 -25.00
CA TRP C 143 -23.07 -11.35 -23.70
C TRP C 143 -23.10 -12.86 -23.48
N GLY C 144 -23.74 -13.25 -22.38
CA GLY C 144 -23.86 -14.65 -22.03
C GLY C 144 -25.32 -15.05 -21.96
N ASP C 145 -25.63 -16.24 -22.46
CA ASP C 145 -26.98 -16.76 -22.35
C ASP C 145 -27.38 -17.00 -20.90
N TYR C 146 -26.42 -17.27 -20.02
CA TYR C 146 -26.68 -17.52 -18.62
C TYR C 146 -26.15 -16.37 -17.76
N SER C 147 -26.58 -16.35 -16.49
CA SER C 147 -26.30 -15.21 -15.64
C SER C 147 -24.83 -15.16 -15.21
N PHE C 148 -24.34 -16.25 -14.61
CA PHE C 148 -23.06 -16.24 -13.94
C PHE C 148 -22.03 -17.10 -14.64
N ALA C 149 -20.77 -16.69 -14.52
CA ALA C 149 -19.66 -17.49 -15.02
C ALA C 149 -18.45 -17.20 -14.16
N LEU C 150 -17.84 -18.25 -13.60
CA LEU C 150 -16.56 -18.13 -12.91
C LEU C 150 -15.46 -18.49 -13.90
N ILE C 151 -14.58 -17.54 -14.18
CA ILE C 151 -13.51 -17.72 -15.15
C ILE C 151 -12.19 -17.89 -14.42
N TRP C 152 -11.43 -18.91 -14.81
CA TRP C 152 -10.12 -19.21 -14.22
C TRP C 152 -9.05 -18.71 -15.18
N ALA C 153 -8.45 -17.56 -14.84
CA ALA C 153 -7.32 -17.04 -15.63
C ALA C 153 -6.08 -17.85 -15.28
N LEU C 154 -6.01 -19.05 -15.85
CA LEU C 154 -4.93 -19.98 -15.53
C LEU C 154 -3.59 -19.48 -16.09
N ARG C 155 -3.55 -19.15 -17.37
CA ARG C 155 -2.37 -18.59 -18.01
C ARG C 155 -2.76 -17.30 -18.70
N MET C 156 -2.13 -16.20 -18.31
CA MET C 156 -2.48 -14.89 -18.83
C MET C 156 -1.21 -14.20 -19.31
N PRO C 157 -1.20 -13.67 -20.54
CA PRO C 157 -0.01 -12.98 -21.04
C PRO C 157 0.22 -11.69 -20.29
N PRO C 158 1.35 -11.01 -20.52
CA PRO C 158 1.53 -9.67 -19.95
C PRO C 158 0.47 -8.73 -20.48
N ILE C 159 0.17 -7.69 -19.69
CA ILE C 159 -0.82 -6.70 -20.11
C ILE C 159 -0.38 -6.02 -21.40
N GLU C 160 0.93 -5.91 -21.65
CA GLU C 160 1.39 -5.25 -22.86
C GLU C 160 1.10 -6.06 -24.11
N HIS C 161 0.77 -7.35 -23.98
CA HIS C 161 0.42 -8.20 -25.10
C HIS C 161 -1.07 -8.19 -25.40
N GLY C 162 -1.87 -7.72 -24.46
CA GLY C 162 -3.32 -7.72 -24.58
C GLY C 162 -3.94 -8.79 -23.71
N GLY C 163 -5.14 -9.21 -24.11
CA GLY C 163 -5.87 -10.24 -23.38
C GLY C 163 -6.66 -9.76 -22.19
N MET C 164 -6.67 -8.47 -21.90
CA MET C 164 -7.45 -7.99 -20.77
C MET C 164 -8.93 -8.19 -21.05
N LEU C 165 -9.71 -8.21 -19.97
CA LEU C 165 -11.15 -8.26 -20.08
C LEU C 165 -11.69 -6.83 -20.10
N GLN C 166 -12.37 -6.47 -21.19
CA GLN C 166 -13.11 -5.23 -21.28
C GLN C 166 -14.59 -5.54 -21.09
N ALA C 167 -15.26 -4.70 -20.30
CA ALA C 167 -16.64 -4.98 -19.91
C ALA C 167 -17.45 -3.69 -19.87
N VAL C 168 -18.74 -3.82 -20.18
CA VAL C 168 -19.70 -2.74 -20.02
C VAL C 168 -20.90 -3.32 -19.26
N PRO C 169 -21.05 -3.03 -17.97
CA PRO C 169 -22.12 -3.64 -17.19
C PRO C 169 -23.45 -2.97 -17.45
N HIS C 170 -24.51 -3.63 -16.98
CA HIS C 170 -25.87 -3.07 -16.98
C HIS C 170 -26.37 -2.86 -18.42
N THR C 171 -26.21 -3.88 -19.24
CA THR C 171 -26.75 -3.92 -20.59
C THR C 171 -27.64 -5.15 -20.71
N HIS C 172 -27.97 -5.54 -21.94
CA HIS C 172 -28.72 -6.75 -22.20
C HIS C 172 -28.43 -7.19 -23.62
N TRP C 173 -28.77 -8.44 -23.93
CA TRP C 173 -28.45 -9.04 -25.21
C TRP C 173 -29.72 -9.15 -26.04
N ASP C 174 -29.76 -8.42 -27.15
CA ASP C 174 -30.87 -8.51 -28.09
C ASP C 174 -30.46 -9.30 -29.32
N SER C 176 -31.34 -10.10 -32.22
CA SER C 176 -32.00 -9.47 -33.37
C SER C 176 -31.42 -8.08 -33.64
N ASN C 177 -30.98 -7.40 -32.58
CA ASN C 177 -30.42 -6.05 -32.70
C ASN C 177 -29.46 -5.82 -31.54
N PRO C 178 -28.25 -6.36 -31.63
CA PRO C 178 -27.32 -6.25 -30.48
C PRO C 178 -26.93 -4.82 -30.15
N ARG C 179 -26.62 -4.01 -31.17
CA ARG C 179 -26.19 -2.63 -30.98
C ARG C 179 -24.97 -2.55 -30.08
N ILE C 180 -23.88 -3.18 -30.53
CA ILE C 180 -22.68 -3.27 -29.71
C ILE C 180 -21.86 -2.00 -29.76
N ASN C 181 -21.49 -1.57 -30.97
CA ASN C 181 -20.70 -0.36 -31.11
C ASN C 181 -21.50 0.87 -30.68
N GLN C 182 -22.82 0.84 -30.84
CA GLN C 182 -23.66 1.92 -30.33
C GLN C 182 -23.61 1.96 -28.80
N THR C 183 -23.67 0.78 -28.15
CA THR C 183 -23.60 0.74 -26.70
C THR C 183 -22.26 1.24 -26.19
N LEU C 184 -21.17 0.90 -26.89
CA LEU C 184 -19.87 1.45 -26.53
C LEU C 184 -19.85 2.97 -26.64
N CYS C 185 -20.58 3.53 -27.61
N CYS C 185 -20.59 3.54 -27.60
CA CYS C 185 -20.63 4.98 -27.76
CA CYS C 185 -20.61 4.99 -27.74
C CYS C 185 -21.42 5.65 -26.65
C CYS C 185 -21.40 5.64 -26.62
N GLU C 186 -22.45 4.98 -26.14
CA GLU C 186 -23.31 5.58 -25.12
C GLU C 186 -22.79 5.34 -23.72
N ARG C 187 -22.12 4.22 -23.51
CA ARG C 187 -21.54 3.87 -22.24
C ARG C 187 -20.03 4.02 -22.31
N GLU C 188 -19.35 3.75 -21.20
CA GLU C 188 -17.89 3.70 -21.17
C GLU C 188 -17.45 2.33 -20.63
N ILE C 189 -16.30 1.89 -21.11
CA ILE C 189 -15.82 0.53 -20.95
C ILE C 189 -14.89 0.45 -19.75
N ASN C 190 -15.12 -0.53 -18.89
CA ASN C 190 -14.15 -0.91 -17.86
C ASN C 190 -13.21 -1.96 -18.43
N THR C 191 -11.91 -1.72 -18.34
CA THR C 191 -10.91 -2.70 -18.72
C THR C 191 -10.31 -3.30 -17.45
N HIS C 192 -10.37 -4.63 -17.33
CA HIS C 192 -9.90 -5.33 -16.14
C HIS C 192 -8.68 -6.18 -16.51
N GLY C 193 -7.51 -5.75 -16.08
CA GLY C 193 -6.32 -6.55 -16.27
C GLY C 193 -6.33 -7.77 -15.37
N LEU C 194 -5.80 -8.87 -15.89
CA LEU C 194 -5.77 -10.15 -15.21
C LEU C 194 -4.35 -10.71 -15.19
N GLU C 195 -4.02 -11.42 -14.13
CA GLU C 195 -2.72 -12.03 -13.96
C GLU C 195 -2.88 -13.54 -13.85
N SER C 196 -1.76 -14.24 -14.03
CA SER C 196 -1.77 -15.69 -13.97
C SER C 196 -2.16 -16.16 -12.57
N GLY C 197 -3.20 -16.99 -12.51
CA GLY C 197 -3.74 -17.48 -11.26
C GLY C 197 -4.94 -16.72 -10.75
N ASP C 198 -5.33 -15.64 -11.43
CA ASP C 198 -6.52 -14.89 -11.05
C ASP C 198 -7.77 -15.68 -11.38
N LEU C 199 -8.81 -15.50 -10.57
CA LEU C 199 -10.16 -15.93 -10.88
C LEU C 199 -11.08 -14.73 -10.77
N TYR C 200 -12.12 -14.71 -11.59
CA TYR C 200 -13.09 -13.63 -11.48
C TYR C 200 -14.48 -14.13 -11.79
N LEU C 201 -15.45 -13.60 -11.07
CA LEU C 201 -16.86 -13.86 -11.28
C LEU C 201 -17.43 -12.77 -12.19
N LEU C 202 -18.25 -13.19 -13.17
CA LEU C 202 -18.79 -12.29 -14.18
C LEU C 202 -20.30 -12.47 -14.26
N ARG C 203 -21.03 -11.36 -14.28
CA ARG C 203 -22.47 -11.36 -14.55
C ARG C 203 -22.63 -11.30 -16.06
N THR C 204 -22.71 -12.48 -16.70
CA THR C 204 -22.55 -12.56 -18.15
C THR C 204 -23.77 -12.13 -18.94
N ASP C 205 -24.96 -12.12 -18.33
CA ASP C 205 -26.16 -11.80 -19.09
C ASP C 205 -26.38 -10.29 -19.21
N THR C 206 -25.85 -9.51 -18.27
CA THR C 206 -26.05 -8.06 -18.28
C THR C 206 -24.78 -7.28 -18.55
N THR C 207 -23.65 -7.95 -18.75
CA THR C 207 -22.36 -7.29 -18.93
C THR C 207 -21.82 -7.62 -20.32
N LEU C 208 -21.87 -6.63 -21.21
CA LEU C 208 -21.23 -6.73 -22.52
C LEU C 208 -19.73 -6.80 -22.30
N HIS C 209 -19.09 -7.89 -22.72
CA HIS C 209 -17.70 -8.10 -22.38
C HIS C 209 -16.94 -8.72 -23.55
N ARG C 210 -15.64 -8.47 -23.57
CA ARG C 210 -14.75 -9.06 -24.56
C ARG C 210 -13.36 -9.15 -23.97
N THR C 211 -12.49 -9.91 -24.65
CA THR C 211 -11.08 -9.96 -24.32
C THR C 211 -10.32 -9.18 -25.38
N VAL C 212 -9.39 -8.35 -24.94
CA VAL C 212 -8.66 -7.49 -25.87
C VAL C 212 -7.78 -8.36 -26.76
N PRO C 213 -7.80 -8.18 -28.08
CA PRO C 213 -7.02 -9.05 -28.96
C PRO C 213 -5.55 -9.04 -28.59
N LEU C 214 -4.90 -10.17 -28.84
CA LEU C 214 -3.47 -10.29 -28.56
C LEU C 214 -2.67 -9.43 -29.54
N SER C 215 -1.76 -8.63 -29.01
CA SER C 215 -0.88 -7.82 -29.85
C SER C 215 0.21 -8.64 -30.50
N GLU C 216 0.76 -9.64 -29.81
CA GLU C 216 1.77 -10.52 -30.37
C GLU C 216 1.42 -11.95 -30.01
N ASP C 217 2.22 -12.90 -30.49
CA ASP C 217 2.02 -14.30 -30.14
C ASP C 217 2.23 -14.49 -28.64
N SER C 218 1.17 -14.92 -27.95
CA SER C 218 1.23 -15.11 -26.50
C SER C 218 0.16 -16.12 -26.10
N THR C 219 0.40 -16.81 -24.99
CA THR C 219 -0.52 -17.85 -24.52
C THR C 219 -1.54 -17.24 -23.56
N ARG C 220 -2.83 -17.48 -23.84
CA ARG C 220 -3.93 -17.03 -22.98
C ARG C 220 -4.87 -18.21 -22.77
N THR C 221 -4.84 -18.80 -21.58
CA THR C 221 -5.61 -20.00 -21.26
C THR C 221 -6.53 -19.72 -20.08
N ILE C 222 -7.82 -19.98 -20.27
CA ILE C 222 -8.83 -19.75 -19.24
C ILE C 222 -9.73 -20.97 -19.13
N LEU C 223 -10.57 -20.96 -18.10
CA LEU C 223 -11.60 -21.97 -17.89
C LEU C 223 -12.89 -21.28 -17.46
N VAL C 224 -13.97 -21.56 -18.17
CA VAL C 224 -15.28 -21.02 -17.84
C VAL C 224 -16.09 -22.11 -17.15
N MET C 225 -16.70 -21.76 -16.02
CA MET C 225 -17.67 -22.61 -15.33
C MET C 225 -18.96 -21.81 -15.31
N THR C 226 -19.81 -22.05 -16.31
CA THR C 226 -21.07 -21.32 -16.44
C THR C 226 -22.10 -21.89 -15.47
N TRP C 227 -22.81 -20.99 -14.80
CA TRP C 227 -23.90 -21.36 -13.91
C TRP C 227 -25.14 -20.56 -14.30
N ALA C 228 -26.24 -20.83 -13.60
CA ALA C 228 -27.51 -20.20 -13.90
C ALA C 228 -28.13 -19.64 -12.62
N ALA C 229 -29.02 -18.69 -12.80
CA ALA C 229 -29.85 -18.14 -11.74
C ALA C 229 -31.30 -18.57 -11.97
N LYS C 230 -32.19 -18.13 -11.07
CA LYS C 230 -33.60 -18.52 -11.20
C LYS C 230 -34.20 -18.02 -12.51
N ARG C 231 -33.69 -16.90 -13.03
CA ARG C 231 -34.24 -16.33 -14.27
C ARG C 231 -33.86 -17.13 -15.50
N ASP C 232 -32.85 -17.98 -15.42
CA ASP C 232 -32.36 -18.71 -16.59
C ASP C 232 -33.03 -20.06 -16.80
N LEU C 233 -34.02 -20.40 -15.99
CA LEU C 233 -34.71 -21.69 -16.14
C LEU C 233 -35.59 -21.74 -17.38
N ASP C 236 -36.21 -22.10 -21.73
CA ASP C 236 -36.39 -21.23 -22.90
C ASP C 236 -35.05 -20.70 -23.37
N LEU C 237 -34.61 -21.17 -24.55
CA LEU C 237 -33.33 -20.76 -25.12
C LEU C 237 -33.47 -20.66 -26.63
N VAL C 238 -32.77 -19.69 -27.22
CA VAL C 238 -32.82 -19.45 -28.66
C VAL C 238 -31.54 -18.77 -29.12
N GLY C 239 -31.39 -18.61 -30.43
CA GLY C 239 -30.23 -17.93 -30.97
C GLY C 239 -29.60 -18.59 -32.19
N ASN C 240 -29.45 -19.92 -32.15
CA ASN C 240 -28.77 -20.66 -33.21
C ASN C 240 -27.33 -20.18 -33.38
N ASP C 241 -26.66 -19.93 -32.26
CA ASP C 241 -25.35 -19.32 -32.25
C ASP C 241 -24.36 -20.02 -31.31
N ARG C 242 -24.65 -21.26 -30.93
CA ARG C 242 -23.76 -22.03 -30.06
C ARG C 242 -22.54 -22.47 -30.87
N TRP C 243 -21.59 -21.55 -30.98
CA TRP C 243 -20.42 -21.76 -31.84
C TRP C 243 -19.36 -22.64 -31.18
N TRP C 244 -19.24 -22.60 -29.85
CA TRP C 244 -18.18 -23.35 -29.18
C TRP C 244 -18.41 -24.85 -29.28
N GLU C 245 -19.67 -25.28 -29.26
CA GLU C 245 -20.02 -26.68 -29.41
C GLU C 245 -20.45 -27.04 -30.83
N ASN C 246 -20.61 -26.05 -31.71
CA ASN C 246 -20.98 -26.29 -33.11
C ASN C 246 -20.41 -25.18 -33.99
N PRO C 247 -19.22 -25.37 -34.55
CA PRO C 247 -18.63 -24.31 -35.38
C PRO C 247 -19.44 -23.99 -36.62
N GLU C 248 -20.29 -24.90 -37.08
CA GLU C 248 -21.17 -24.65 -38.21
C GLU C 248 -22.53 -24.12 -37.77
N ALA C 249 -22.56 -23.28 -36.74
CA ALA C 249 -23.83 -22.71 -36.29
C ALA C 249 -24.39 -21.74 -37.32
N GLU C 250 -25.68 -21.44 -37.17
CA GLU C 250 -26.37 -20.58 -38.14
C GLU C 250 -25.87 -19.14 -38.09
N ALA C 251 -25.22 -18.74 -37.00
CA ALA C 251 -24.70 -17.38 -36.85
C ALA C 251 -23.22 -17.26 -37.20
N ALA C 252 -22.51 -18.38 -37.31
CA ALA C 252 -21.09 -18.33 -37.61
C ALA C 252 -20.86 -17.83 -39.04
N ARG C 253 -19.65 -17.36 -39.29
CA ARG C 253 -19.29 -16.84 -40.60
C ARG C 253 -17.78 -16.80 -40.80
N VAL D 3 22.25 2.29 -31.02
CA VAL D 3 22.66 3.30 -31.98
C VAL D 3 23.02 4.60 -31.27
N GLU D 4 23.66 4.44 -30.10
CA GLU D 4 24.11 5.56 -29.26
C GLU D 4 22.94 6.41 -28.78
N GLN D 5 21.72 6.03 -29.14
CA GLN D 5 20.51 6.71 -28.71
C GLN D 5 19.96 6.16 -27.41
N ILE D 6 20.75 5.38 -26.68
CA ILE D 6 20.32 4.79 -25.42
C ILE D 6 20.68 5.67 -24.24
N ASP D 7 21.91 6.19 -24.22
CA ASP D 7 22.34 7.07 -23.13
C ASP D 7 21.46 8.31 -23.00
N GLU D 8 20.80 8.73 -24.08
CA GLU D 8 19.89 9.85 -23.99
C GLU D 8 18.54 9.43 -23.39
N ASN D 9 17.98 8.34 -23.90
CA ASN D 9 16.70 7.87 -23.37
C ASN D 9 16.83 7.34 -21.95
N LEU D 10 18.03 6.86 -21.57
CA LEU D 10 18.24 6.36 -20.21
C LEU D 10 18.43 7.50 -19.22
N ALA D 11 19.23 8.51 -19.58
CA ALA D 11 19.46 9.62 -18.65
C ALA D 11 18.17 10.38 -18.36
N LYS D 12 17.23 10.43 -19.31
CA LYS D 12 15.94 11.04 -19.04
C LYS D 12 15.05 10.10 -18.23
N PHE D 13 15.04 8.81 -18.57
CA PHE D 13 14.25 7.83 -17.82
C PHE D 13 14.63 7.84 -16.34
N LEU D 14 15.93 7.92 -16.04
CA LEU D 14 16.38 7.89 -14.66
C LEU D 14 16.22 9.23 -13.95
N ALA D 15 16.34 10.35 -14.68
CA ALA D 15 16.26 11.65 -14.02
C ALA D 15 14.88 11.94 -13.46
N GLU D 16 13.83 11.44 -14.12
CA GLU D 16 12.47 11.65 -13.65
C GLU D 16 11.98 10.56 -12.70
N ARG D 17 12.82 9.59 -12.36
CA ARG D 17 12.45 8.53 -11.43
C ARG D 17 13.35 8.45 -10.21
N TYR D 18 14.40 9.26 -10.13
CA TYR D 18 15.32 9.22 -9.00
C TYR D 18 15.82 10.62 -8.73
N THR D 19 15.95 10.96 -7.46
CA THR D 19 16.58 12.18 -7.02
C THR D 19 17.87 11.84 -6.29
N PRO D 20 18.83 12.77 -6.21
CA PRO D 20 20.05 12.47 -5.45
C PRO D 20 19.79 12.01 -4.03
N GLU D 21 18.76 12.56 -3.37
CA GLU D 21 18.41 12.11 -2.03
C GLU D 21 17.72 10.76 -2.05
N SER D 22 16.98 10.47 -3.12
CA SER D 22 16.39 9.15 -3.26
C SER D 22 17.46 8.10 -3.52
N VAL D 23 18.47 8.45 -4.31
CA VAL D 23 19.55 7.50 -4.61
C VAL D 23 20.41 7.26 -3.38
N ALA D 24 20.61 8.30 -2.55
CA ALA D 24 21.35 8.12 -1.31
C ALA D 24 20.66 7.11 -0.39
N GLN D 25 19.32 7.10 -0.39
CA GLN D 25 18.62 6.07 0.37
C GLN D 25 18.88 4.68 -0.21
N LEU D 26 18.99 4.58 -1.54
CA LEU D 26 19.34 3.29 -2.14
C LEU D 26 20.77 2.89 -1.81
N ALA D 27 21.66 3.88 -1.62
CA ALA D 27 23.04 3.57 -1.27
C ALA D 27 23.13 2.95 0.11
N ASP D 28 22.41 3.50 1.09
CA ASP D 28 22.33 2.90 2.41
C ASP D 28 21.83 1.46 2.31
N ARG D 29 20.76 1.24 1.56
CA ARG D 29 20.24 -0.12 1.39
C ARG D 29 21.26 -1.02 0.72
N PHE D 30 22.03 -0.47 -0.24
CA PHE D 30 23.02 -1.30 -0.93
C PHE D 30 24.16 -1.68 0.00
N HIS D 31 24.61 -0.74 0.84
CA HIS D 31 25.72 -1.02 1.74
C HIS D 31 25.33 -1.94 2.87
N ARG D 32 24.07 -1.90 3.30
CA ARG D 32 23.64 -2.72 4.43
C ARG D 32 23.38 -4.15 4.00
N PHE D 33 22.71 -4.36 2.86
CA PHE D 33 22.33 -5.69 2.43
C PHE D 33 23.23 -6.25 1.33
N GLY D 34 24.10 -5.43 0.75
CA GLY D 34 24.81 -5.86 -0.44
C GLY D 34 23.92 -6.06 -1.64
N PHE D 35 22.70 -5.54 -1.59
CA PHE D 35 21.66 -5.88 -2.56
C PHE D 35 20.70 -4.71 -2.66
N VAL D 36 20.40 -4.29 -3.90
CA VAL D 36 19.38 -3.29 -4.18
C VAL D 36 18.60 -3.77 -5.40
N LYS D 37 17.29 -3.93 -5.26
CA LYS D 37 16.44 -4.47 -6.30
C LYS D 37 15.72 -3.35 -7.04
N PHE D 38 15.78 -3.40 -8.37
CA PHE D 38 15.05 -2.46 -9.21
C PHE D 38 13.81 -3.18 -9.72
N ASP D 39 12.68 -2.90 -9.08
CA ASP D 39 11.42 -3.55 -9.40
C ASP D 39 10.43 -2.52 -9.96
N ALA D 40 9.14 -2.82 -9.85
CA ALA D 40 8.14 -1.93 -10.41
C ALA D 40 8.18 -0.55 -9.76
N ALA D 41 8.44 -0.50 -8.45
CA ALA D 41 8.51 0.77 -7.74
C ALA D 41 9.78 1.56 -8.04
N ASN D 42 10.81 0.92 -8.61
CA ASN D 42 12.11 1.54 -8.86
C ASN D 42 12.72 0.93 -10.12
N ARG D 43 12.13 1.24 -11.27
CA ARG D 43 12.66 0.74 -12.54
C ARG D 43 14.02 1.36 -12.82
N LEU D 44 14.82 0.64 -13.63
CA LEU D 44 16.16 1.08 -14.00
C LEU D 44 16.32 1.31 -15.50
N VAL D 45 15.70 0.48 -16.32
CA VAL D 45 15.74 0.64 -17.77
C VAL D 45 14.30 0.70 -18.26
N PRO D 46 14.07 1.35 -19.41
CA PRO D 46 12.75 1.31 -20.03
C PRO D 46 12.35 -0.12 -20.39
N ASP D 47 11.04 -0.36 -20.41
CA ASP D 47 10.55 -1.72 -20.64
C ASP D 47 10.87 -2.21 -22.04
N GLU D 48 11.00 -1.30 -23.01
CA GLU D 48 11.37 -1.72 -24.36
C GLU D 48 12.83 -2.16 -24.41
N LEU D 49 13.69 -1.47 -23.66
CA LEU D 49 15.11 -1.83 -23.64
C LEU D 49 15.34 -3.19 -23.01
N GLN D 50 14.61 -3.48 -21.93
CA GLN D 50 14.70 -4.80 -21.32
C GLN D 50 14.11 -5.88 -22.22
N THR D 51 12.99 -5.58 -22.88
CA THR D 51 12.41 -6.54 -23.81
C THR D 51 13.37 -6.84 -24.95
N ALA D 52 14.17 -5.86 -25.36
CA ALA D 52 15.19 -6.11 -26.37
C ALA D 52 16.32 -6.97 -25.82
N VAL D 53 16.70 -6.73 -24.57
CA VAL D 53 17.72 -7.57 -23.93
C VAL D 53 17.17 -8.98 -23.72
N ARG D 54 15.96 -9.09 -23.17
CA ARG D 54 15.35 -10.41 -22.98
C ARG D 54 15.24 -11.16 -24.30
N GLU D 55 15.00 -10.43 -25.41
CA GLU D 55 14.98 -11.06 -26.72
C GLU D 55 16.39 -11.39 -27.21
N GLU D 56 17.33 -10.45 -27.04
CA GLU D 56 18.70 -10.71 -27.45
C GLU D 56 19.30 -11.88 -26.66
N CYS D 57 19.08 -11.90 -25.35
CA CYS D 57 19.59 -12.99 -24.52
C CYS D 57 18.94 -14.32 -24.90
N ASP D 58 17.64 -14.30 -25.21
CA ASP D 58 16.96 -15.50 -25.64
C ASP D 58 17.40 -15.92 -27.03
N LEU D 60 20.73 -15.50 -27.69
CA LEU D 60 22.11 -15.90 -27.42
C LEU D 60 22.15 -17.31 -26.84
N ILE D 61 21.05 -17.74 -26.22
CA ILE D 61 20.99 -19.07 -25.65
C ILE D 61 20.71 -20.07 -26.76
N GLN D 63 22.09 -21.00 -29.36
CA GLN D 63 23.25 -20.37 -29.96
C GLN D 63 24.52 -20.58 -29.12
N HIS D 64 24.34 -20.89 -27.83
CA HIS D 64 25.47 -21.10 -26.93
C HIS D 64 25.03 -21.83 -25.66
N LYS D 65 23.80 -22.32 -25.66
CA LYS D 65 23.22 -23.03 -24.51
C LYS D 65 24.05 -24.25 -24.14
N GLU D 66 24.89 -24.13 -23.12
CA GLU D 66 25.78 -25.20 -22.68
C GLU D 66 25.48 -25.53 -21.23
N ARG D 67 24.94 -26.73 -20.99
CA ARG D 67 24.60 -27.16 -19.64
C ARG D 67 25.86 -27.33 -18.80
N ARG D 68 25.66 -27.32 -17.48
CA ARG D 68 26.74 -27.43 -16.51
C ARG D 68 26.24 -28.21 -15.31
N ASN D 69 27.13 -29.01 -14.72
CA ASN D 69 26.76 -29.83 -13.56
C ASN D 69 28.07 -30.19 -12.84
N LEU D 70 28.52 -29.29 -11.98
CA LEU D 70 29.80 -29.44 -11.31
C LEU D 70 29.67 -28.94 -9.87
N LEU D 71 30.73 -29.19 -9.09
CA LEU D 71 30.84 -28.72 -7.72
C LEU D 71 32.13 -27.92 -7.60
N LEU D 72 32.01 -26.62 -7.32
CA LEU D 72 33.19 -25.76 -7.24
C LEU D 72 33.92 -25.96 -5.91
N SER D 73 35.19 -26.36 -5.99
CA SER D 73 35.95 -26.63 -4.77
C SER D 73 36.27 -25.35 -4.00
N THR D 74 36.52 -24.23 -4.68
CA THR D 74 36.82 -23.02 -3.93
C THR D 74 35.61 -22.47 -3.18
N THR D 75 34.44 -23.05 -3.36
CA THR D 75 33.24 -22.66 -2.62
C THR D 75 32.67 -23.86 -1.86
N GLY D 76 33.55 -24.65 -1.25
CA GLY D 76 33.11 -25.78 -0.44
C GLY D 76 32.30 -26.81 -1.19
N ASN D 77 32.57 -27.01 -2.47
CA ASN D 77 31.86 -27.99 -3.30
C ASN D 77 30.35 -27.70 -3.38
N THR D 78 29.99 -26.43 -3.47
CA THR D 78 28.60 -26.09 -3.75
C THR D 78 28.30 -26.36 -5.22
N PRO D 79 27.08 -26.81 -5.55
CA PRO D 79 26.78 -27.22 -6.92
C PRO D 79 26.61 -26.04 -7.86
N ARG D 80 26.75 -26.35 -9.16
CA ARG D 80 26.44 -25.41 -10.25
C ARG D 80 25.67 -26.22 -11.29
N ARG D 81 24.35 -26.11 -11.26
CA ARG D 81 23.47 -26.94 -12.07
C ARG D 81 22.59 -26.01 -12.92
N MET D 82 23.07 -25.70 -14.12
CA MET D 82 22.39 -24.75 -14.99
C MET D 82 23.08 -24.76 -16.35
N SER D 83 22.46 -24.07 -17.31
CA SER D 83 23.07 -23.75 -18.59
C SER D 83 23.81 -22.42 -18.47
N VAL D 84 24.64 -22.13 -19.48
CA VAL D 84 25.46 -20.93 -19.48
C VAL D 84 25.59 -20.37 -20.88
N VAL D 85 26.01 -19.10 -20.96
CA VAL D 85 26.39 -18.44 -22.20
C VAL D 85 27.62 -17.61 -21.91
N LYS D 86 28.71 -17.90 -22.62
CA LYS D 86 30.01 -17.31 -22.30
C LYS D 86 30.05 -15.83 -22.65
N SER D 87 30.88 -15.08 -21.91
CA SER D 87 31.05 -13.65 -22.14
C SER D 87 31.66 -13.36 -23.50
N GLU D 89 30.56 -14.87 -26.52
CA GLU D 89 29.33 -15.10 -27.25
C GLU D 89 28.37 -13.92 -27.06
N ILE D 90 28.34 -13.41 -25.84
CA ILE D 90 27.46 -12.28 -25.53
C ILE D 90 28.05 -10.98 -26.06
N GLU D 91 29.37 -10.79 -25.92
CA GLU D 91 30.02 -9.56 -26.36
C GLU D 91 29.82 -9.32 -27.86
N SER D 93 26.14 -9.84 -29.84
CA SER D 93 25.14 -8.86 -29.42
C SER D 93 25.80 -7.55 -29.01
N GLU D 94 25.56 -6.50 -29.81
CA GLU D 94 26.10 -5.18 -29.52
C GLU D 94 25.24 -4.37 -28.56
N LEU D 95 24.02 -4.84 -28.27
CA LEU D 95 23.16 -4.11 -27.34
C LEU D 95 23.64 -4.26 -25.90
N ILE D 96 23.96 -5.49 -25.48
CA ILE D 96 24.39 -5.71 -24.11
C ILE D 96 25.77 -5.11 -23.88
N SER D 97 26.64 -5.16 -24.88
CA SER D 97 27.99 -4.63 -24.74
C SER D 97 27.98 -3.11 -24.61
N THR D 98 27.10 -2.44 -25.36
CA THR D 98 27.06 -0.98 -25.32
C THR D 98 26.46 -0.48 -24.01
N LEU D 99 25.42 -1.14 -23.53
CA LEU D 99 24.81 -0.73 -22.26
C LEU D 99 25.71 -1.04 -21.08
N SER D 100 26.50 -2.12 -21.16
CA SER D 100 27.40 -2.44 -20.06
C SER D 100 28.48 -1.38 -19.90
N ARG D 101 28.92 -0.77 -20.99
CA ARG D 101 29.87 0.34 -20.94
C ARG D 101 29.19 1.69 -21.04
N SER D 102 27.86 1.73 -20.93
CA SER D 102 27.15 3.01 -21.01
C SER D 102 27.50 3.88 -19.82
N GLU D 103 27.97 5.10 -20.10
CA GLU D 103 28.38 6.00 -19.03
C GLU D 103 27.19 6.48 -18.21
N VAL D 104 25.99 6.53 -18.80
CA VAL D 104 24.83 6.95 -18.04
C VAL D 104 24.45 5.88 -17.02
N LEU D 105 24.43 4.61 -17.44
CA LEU D 105 24.10 3.53 -16.52
C LEU D 105 25.14 3.39 -15.42
N LEU D 106 26.42 3.35 -15.79
CA LEU D 106 27.48 3.25 -14.80
C LEU D 106 27.60 4.51 -13.95
N GLY D 107 27.16 5.65 -14.46
CA GLY D 107 27.19 6.88 -13.70
C GLY D 107 26.12 6.93 -12.63
N PHE D 108 24.90 6.47 -12.98
CA PHE D 108 23.83 6.45 -12.00
C PHE D 108 24.08 5.39 -10.93
N LEU D 109 24.45 4.18 -11.36
CA LEU D 109 24.71 3.10 -10.40
C LEU D 109 25.87 3.43 -9.47
N ALA D 110 26.79 4.32 -9.89
CA ALA D 110 27.87 4.72 -9.01
C ALA D 110 27.39 5.55 -7.83
N GLY D 111 26.21 6.19 -7.94
CA GLY D 111 25.64 6.87 -6.79
C GLY D 111 25.09 5.95 -5.74
N ILE D 112 24.82 4.69 -6.11
CA ILE D 112 24.39 3.68 -5.18
C ILE D 112 25.58 2.98 -4.51
N THR D 113 26.60 2.62 -5.28
CA THR D 113 27.81 2.03 -4.71
C THR D 113 28.66 3.05 -3.95
N ARG D 114 28.35 4.34 -4.06
CA ARG D 114 29.10 5.44 -3.46
C ARG D 114 30.56 5.50 -3.92
N GLU D 115 30.91 4.80 -5.00
CA GLU D 115 32.27 4.80 -5.51
C GLU D 115 32.24 4.50 -6.99
N GLU D 116 33.30 4.90 -7.68
CA GLU D 116 33.38 4.71 -9.13
C GLU D 116 33.44 3.23 -9.47
N ILE D 117 32.69 2.83 -10.49
CA ILE D 117 32.69 1.47 -11.00
C ILE D 117 33.32 1.48 -12.38
N ILE D 118 34.15 0.48 -12.67
CA ILE D 118 34.97 0.43 -13.88
C ILE D 118 34.56 -0.81 -14.67
N PRO D 119 34.25 -0.68 -15.96
CA PRO D 119 33.97 -1.86 -16.79
C PRO D 119 35.21 -2.64 -17.20
N GLU D 120 36.39 -2.29 -16.69
CA GLU D 120 37.62 -3.01 -16.99
C GLU D 120 37.66 -4.26 -16.12
N VAL D 121 37.05 -5.33 -16.63
CA VAL D 121 37.00 -6.62 -15.95
C VAL D 121 37.51 -7.68 -16.93
N SER D 122 37.73 -8.88 -16.40
CA SER D 122 38.14 -10.01 -17.22
C SER D 122 37.09 -10.29 -18.29
N SER D 123 37.56 -10.46 -19.53
CA SER D 123 36.67 -10.75 -20.65
C SER D 123 36.20 -12.20 -20.61
N ASP D 124 35.77 -12.66 -19.44
CA ASP D 124 35.43 -14.06 -19.24
C ASP D 124 34.25 -14.22 -18.28
N ARG D 126 32.89 -10.64 -17.77
CA ARG D 126 32.18 -9.63 -18.55
C ARG D 126 30.67 -9.82 -18.51
N TYR D 127 30.19 -10.88 -19.16
CA TYR D 127 28.77 -11.18 -19.23
C TYR D 127 28.54 -12.66 -18.97
N LEU D 128 27.37 -12.98 -18.42
CA LEU D 128 27.02 -14.36 -18.12
C LEU D 128 25.50 -14.49 -18.18
N ILE D 129 25.01 -15.48 -18.92
CA ILE D 129 23.59 -15.77 -19.00
C ILE D 129 23.36 -17.13 -18.34
N THR D 130 22.58 -17.12 -17.27
CA THR D 130 22.22 -18.33 -16.54
C THR D 130 20.83 -18.78 -17.00
N HIS D 131 20.66 -20.09 -17.19
CA HIS D 131 19.38 -20.64 -17.64
C HIS D 131 19.13 -21.95 -16.89
N GLN D 132 18.39 -21.85 -15.79
CA GLN D 132 18.03 -23.01 -14.99
C GLN D 132 16.65 -23.49 -15.42
N GLU D 133 16.51 -24.81 -15.62
CA GLU D 133 15.27 -25.35 -16.17
C GLU D 133 14.67 -26.45 -15.30
N PHE D 134 15.43 -27.50 -15.02
CA PHE D 134 14.93 -28.67 -14.31
C PHE D 134 15.04 -28.45 -12.80
N LYS D 135 14.49 -29.41 -12.04
CA LYS D 135 14.60 -29.35 -10.58
C LYS D 135 16.06 -29.50 -10.16
N SER D 136 16.32 -29.13 -8.90
CA SER D 136 17.65 -29.22 -8.30
C SER D 136 18.65 -28.28 -8.98
N ASP D 137 18.18 -27.50 -9.94
CA ASP D 137 19.05 -26.53 -10.59
C ASP D 137 19.31 -25.37 -9.65
N THR D 138 20.58 -25.02 -9.47
CA THR D 138 20.94 -24.00 -8.49
C THR D 138 22.29 -23.40 -8.82
N HIS D 139 22.43 -22.13 -8.51
CA HIS D 139 23.72 -21.44 -8.52
C HIS D 139 24.16 -21.39 -7.06
N GLY D 140 24.97 -22.37 -6.66
CA GLY D 140 25.22 -22.63 -5.25
C GLY D 140 26.00 -21.50 -4.59
N TRP D 141 26.15 -21.65 -3.27
CA TRP D 141 26.80 -20.62 -2.46
C TRP D 141 28.17 -20.25 -3.02
N HIS D 142 28.42 -18.96 -3.17
CA HIS D 142 29.66 -18.48 -3.76
C HIS D 142 29.79 -16.98 -3.52
N TRP D 143 30.98 -16.46 -3.84
CA TRP D 143 31.21 -15.02 -3.89
C TRP D 143 31.58 -14.62 -5.30
N GLY D 144 32.17 -13.43 -5.45
CA GLY D 144 32.62 -12.98 -6.75
C GLY D 144 34.01 -12.41 -6.70
N ASP D 145 34.80 -12.69 -7.73
CA ASP D 145 36.14 -12.13 -7.80
C ASP D 145 36.13 -10.61 -7.97
N TYR D 146 35.05 -10.06 -8.53
CA TYR D 146 34.91 -8.63 -8.71
C TYR D 146 33.84 -8.06 -7.77
N SER D 147 33.85 -6.74 -7.64
CA SER D 147 33.01 -6.09 -6.63
C SER D 147 31.55 -6.07 -7.05
N PHE D 148 31.25 -5.58 -8.25
CA PHE D 148 29.89 -5.26 -8.65
C PHE D 148 29.40 -6.19 -9.76
N ALA D 149 28.09 -6.41 -9.77
CA ALA D 149 27.44 -7.16 -10.85
C ALA D 149 25.96 -6.81 -10.89
N LEU D 150 25.46 -6.44 -12.07
CA LEU D 150 24.07 -6.11 -12.27
C LEU D 150 23.36 -7.29 -12.92
N ILE D 151 22.41 -7.89 -12.21
CA ILE D 151 21.77 -9.13 -12.65
C ILE D 151 20.41 -8.82 -13.22
N TRP D 152 20.14 -9.36 -14.40
CA TRP D 152 18.88 -9.15 -15.12
C TRP D 152 18.00 -10.37 -14.90
N ALA D 153 17.05 -10.26 -13.97
CA ALA D 153 16.07 -11.33 -13.81
C ALA D 153 15.07 -11.28 -14.96
N LEU D 154 15.52 -11.73 -16.14
CA LEU D 154 14.68 -11.65 -17.34
C LEU D 154 13.42 -12.49 -17.17
N ARG D 155 13.56 -13.71 -16.68
CA ARG D 155 12.43 -14.59 -16.42
C ARG D 155 12.61 -15.21 -15.04
N MET D 156 11.56 -15.16 -14.23
CA MET D 156 11.61 -15.71 -12.89
C MET D 156 10.46 -16.70 -12.70
N PRO D 157 10.72 -17.90 -12.21
CA PRO D 157 9.64 -18.79 -11.82
C PRO D 157 8.86 -18.19 -10.66
N PRO D 158 7.72 -18.76 -10.30
CA PRO D 158 7.03 -18.28 -9.10
C PRO D 158 7.79 -18.66 -7.84
N ILE D 159 7.56 -17.88 -6.79
CA ILE D 159 8.29 -18.04 -5.54
C ILE D 159 8.10 -19.44 -4.96
N GLU D 160 6.93 -20.04 -5.17
CA GLU D 160 6.66 -21.37 -4.62
C GLU D 160 7.55 -22.46 -5.24
N HIS D 161 8.31 -22.15 -6.28
CA HIS D 161 9.15 -23.13 -6.94
C HIS D 161 10.63 -22.98 -6.61
N GLY D 162 11.05 -21.80 -6.16
CA GLY D 162 12.45 -21.54 -5.88
C GLY D 162 12.97 -20.40 -6.73
N GLY D 163 14.29 -20.29 -6.82
CA GLY D 163 14.91 -19.26 -7.62
C GLY D 163 15.22 -17.97 -6.90
N MET D 164 14.76 -17.82 -5.67
CA MET D 164 15.07 -16.60 -4.92
C MET D 164 16.57 -16.51 -4.65
N LEU D 165 17.05 -15.28 -4.48
CA LEU D 165 18.44 -15.04 -4.13
C LEU D 165 18.56 -14.97 -2.62
N GLN D 166 19.36 -15.87 -2.05
CA GLN D 166 19.72 -15.82 -0.64
C GLN D 166 21.11 -15.22 -0.51
N ALA D 167 21.23 -14.20 0.34
CA ALA D 167 22.46 -13.42 0.45
C ALA D 167 22.85 -13.24 1.91
N VAL D 168 24.16 -13.18 2.13
CA VAL D 168 24.74 -12.86 3.43
C VAL D 168 25.79 -11.77 3.22
N PRO D 169 25.46 -10.51 3.48
CA PRO D 169 26.43 -9.43 3.22
C PRO D 169 27.54 -9.41 4.27
N HIS D 170 28.57 -8.62 3.97
CA HIS D 170 29.68 -8.37 4.88
C HIS D 170 30.44 -9.65 5.20
N THR D 171 30.91 -10.30 4.14
CA THR D 171 31.74 -11.49 4.28
C THR D 171 32.95 -11.36 3.35
N HIS D 172 33.74 -12.42 3.23
CA HIS D 172 34.91 -12.41 2.37
C HIS D 172 35.17 -13.81 1.86
N TRP D 173 35.71 -13.91 0.66
CA TRP D 173 35.96 -15.18 -0.01
C TRP D 173 37.40 -15.60 0.24
N ASP D 174 37.58 -16.75 0.88
CA ASP D 174 38.90 -17.37 1.04
C ASP D 174 38.85 -18.69 0.26
N LYS D 175 39.49 -18.70 -0.91
CA LYS D 175 39.42 -19.86 -1.79
C LYS D 175 39.95 -21.12 -1.12
N SER D 176 40.90 -20.97 -0.19
CA SER D 176 41.47 -22.12 0.51
C SER D 176 40.57 -22.61 1.63
N ASN D 177 39.80 -21.71 2.25
CA ASN D 177 38.95 -22.05 3.38
C ASN D 177 37.64 -21.27 3.23
N PRO D 178 36.76 -21.69 2.31
CA PRO D 178 35.57 -20.87 2.00
C PRO D 178 34.70 -20.55 3.20
N ARG D 179 34.54 -21.51 4.11
CA ARG D 179 33.79 -21.35 5.36
C ARG D 179 32.34 -20.96 5.08
N ILE D 180 31.67 -21.78 4.26
CA ILE D 180 30.30 -21.55 3.83
C ILE D 180 29.31 -21.88 4.95
N ASN D 181 29.19 -23.17 5.30
CA ASN D 181 28.19 -23.57 6.29
C ASN D 181 28.49 -22.99 7.66
N GLN D 182 29.76 -22.71 7.94
CA GLN D 182 30.11 -22.09 9.21
C GLN D 182 29.70 -20.62 9.21
N THR D 183 29.81 -19.94 8.07
CA THR D 183 29.31 -18.58 7.98
C THR D 183 27.79 -18.54 8.18
N LEU D 184 27.08 -19.54 7.68
CA LEU D 184 25.63 -19.54 7.82
C LEU D 184 25.22 -19.67 9.29
N CYS D 185 25.96 -20.47 10.07
CA CYS D 185 25.63 -20.60 11.49
C CYS D 185 25.81 -19.28 12.24
N GLU D 186 26.75 -18.44 11.82
CA GLU D 186 27.10 -17.23 12.55
C GLU D 186 26.39 -15.98 12.03
N ARG D 187 25.75 -16.06 10.87
CA ARG D 187 25.14 -14.90 10.23
C ARG D 187 23.72 -15.24 9.77
N GLU D 188 22.86 -14.25 9.76
CA GLU D 188 21.51 -14.47 9.25
C GLU D 188 21.50 -14.40 7.73
N ILE D 189 20.55 -15.12 7.13
CA ILE D 189 20.41 -15.23 5.68
C ILE D 189 19.28 -14.34 5.21
N ASN D 190 19.57 -13.48 4.23
CA ASN D 190 18.57 -12.63 3.62
C ASN D 190 18.10 -13.26 2.32
N THR D 191 16.81 -13.54 2.22
CA THR D 191 16.21 -14.12 1.03
C THR D 191 15.50 -13.02 0.24
N HIS D 192 15.89 -12.85 -1.02
CA HIS D 192 15.33 -11.81 -1.89
C HIS D 192 14.52 -12.48 -2.99
N GLY D 193 13.20 -12.37 -2.92
CA GLY D 193 12.36 -12.86 -4.00
C GLY D 193 12.45 -11.96 -5.22
N LEU D 194 12.38 -12.58 -6.40
CA LEU D 194 12.55 -11.89 -7.67
C LEU D 194 11.40 -12.23 -8.61
N GLU D 195 10.96 -11.24 -9.38
CA GLU D 195 9.93 -11.42 -10.39
C GLU D 195 10.51 -11.07 -11.75
N SER D 196 9.83 -11.54 -12.80
CA SER D 196 10.30 -11.26 -14.15
C SER D 196 10.28 -9.76 -14.40
N GLY D 197 11.39 -9.24 -14.91
CA GLY D 197 11.54 -7.83 -15.16
C GLY D 197 12.33 -7.06 -14.13
N ASP D 198 12.64 -7.67 -12.99
CA ASP D 198 13.45 -7.01 -11.97
C ASP D 198 14.92 -7.04 -12.35
N LEU D 199 15.63 -5.97 -12.00
CA LEU D 199 17.09 -5.98 -12.01
C LEU D 199 17.57 -5.72 -10.59
N TYR D 200 18.80 -6.14 -10.28
CA TYR D 200 19.35 -5.82 -8.98
C TYR D 200 20.86 -5.72 -9.03
N LEU D 201 21.39 -4.77 -8.27
CA LEU D 201 22.82 -4.56 -8.13
C LEU D 201 23.32 -5.36 -6.94
N LEU D 202 24.39 -6.12 -7.13
CA LEU D 202 24.90 -7.04 -6.11
C LEU D 202 26.37 -6.78 -5.90
N ARG D 203 26.74 -6.45 -4.66
CA ARG D 203 28.14 -6.39 -4.26
C ARG D 203 28.69 -7.80 -4.18
N THR D 204 29.22 -8.32 -5.29
CA THR D 204 29.51 -9.75 -5.41
C THR D 204 30.73 -10.21 -4.62
N ASP D 205 31.57 -9.31 -4.11
CA ASP D 205 32.79 -9.77 -3.44
C ASP D 205 32.61 -9.95 -1.94
N THR D 206 31.86 -9.07 -1.28
CA THR D 206 31.66 -9.16 0.17
C THR D 206 30.26 -9.64 0.53
N THR D 207 29.55 -10.28 -0.40
CA THR D 207 28.21 -10.80 -0.17
C THR D 207 28.16 -12.25 -0.60
N LEU D 208 28.08 -13.16 0.36
CA LEU D 208 27.84 -14.56 0.05
C LEU D 208 26.42 -14.71 -0.47
N HIS D 209 26.27 -15.31 -1.66
CA HIS D 209 24.94 -15.38 -2.27
C HIS D 209 24.77 -16.69 -3.03
N ARG D 210 23.51 -17.03 -3.28
CA ARG D 210 23.15 -18.21 -4.05
C ARG D 210 21.69 -18.06 -4.49
N THR D 211 21.28 -18.94 -5.39
CA THR D 211 19.88 -19.03 -5.79
C THR D 211 19.29 -20.33 -5.25
N VAL D 212 18.08 -20.26 -4.70
CA VAL D 212 17.49 -21.44 -4.05
C VAL D 212 17.18 -22.48 -5.13
N PRO D 213 17.56 -23.74 -4.93
CA PRO D 213 17.36 -24.74 -5.99
C PRO D 213 15.88 -24.95 -6.30
N LEU D 214 15.58 -25.01 -7.60
CA LEU D 214 14.21 -25.12 -8.07
C LEU D 214 13.57 -26.39 -7.55
N SER D 215 12.35 -26.27 -7.03
CA SER D 215 11.64 -27.43 -6.50
C SER D 215 11.04 -28.29 -7.59
N GLU D 216 10.99 -27.81 -8.82
CA GLU D 216 10.51 -28.62 -9.93
C GLU D 216 10.95 -27.95 -11.23
N ASP D 217 10.67 -28.62 -12.34
CA ASP D 217 11.04 -28.09 -13.64
C ASP D 217 10.37 -26.74 -13.88
N SER D 218 11.19 -25.71 -14.05
CA SER D 218 10.69 -24.35 -14.27
C SER D 218 11.56 -23.63 -15.28
N THR D 219 11.67 -22.31 -15.18
CA THR D 219 12.51 -21.54 -16.10
C THR D 219 13.04 -20.32 -15.36
N ARG D 220 14.35 -20.29 -15.12
CA ARG D 220 15.00 -19.17 -14.45
C ARG D 220 16.13 -18.67 -15.33
N THR D 221 15.92 -17.52 -15.98
CA THR D 221 16.90 -16.94 -16.88
C THR D 221 17.40 -15.63 -16.31
N ILE D 222 18.73 -15.47 -16.27
CA ILE D 222 19.36 -14.27 -15.72
C ILE D 222 20.50 -13.85 -16.63
N LEU D 223 20.82 -12.55 -16.58
CA LEU D 223 21.97 -11.99 -17.28
C LEU D 223 22.81 -11.18 -16.30
N VAL D 224 24.09 -11.50 -16.21
CA VAL D 224 25.00 -10.84 -15.29
C VAL D 224 25.97 -9.97 -16.09
N MET D 225 26.08 -8.70 -15.68
CA MET D 225 27.00 -7.75 -16.28
C MET D 225 28.02 -7.40 -15.20
N THR D 226 29.09 -8.18 -15.12
CA THR D 226 30.06 -8.01 -14.06
C THR D 226 30.97 -6.83 -14.35
N TRP D 227 30.92 -5.82 -13.48
CA TRP D 227 31.80 -4.66 -13.54
C TRP D 227 32.91 -4.84 -12.51
N ALA D 228 33.67 -3.77 -12.25
CA ALA D 228 34.79 -3.84 -11.31
C ALA D 228 34.94 -2.50 -10.60
N ALA D 229 35.85 -2.48 -9.62
CA ALA D 229 36.15 -1.29 -8.83
C ALA D 229 37.66 -1.13 -8.70
N LYS D 230 38.08 -0.01 -8.13
CA LYS D 230 39.50 0.33 -8.07
C LYS D 230 40.28 -0.70 -7.25
N ARG D 231 39.76 -1.08 -6.08
CA ARG D 231 40.38 -2.10 -5.25
C ARG D 231 40.51 -3.43 -5.97
N ASP D 232 39.74 -3.64 -7.03
CA ASP D 232 39.86 -4.81 -7.87
C ASP D 232 40.86 -4.54 -8.99
N LYS D 235 44.99 -7.01 -9.05
CA LYS D 235 44.73 -8.31 -8.44
C LYS D 235 45.04 -9.45 -9.40
N ASP D 236 45.01 -10.68 -8.90
CA ASP D 236 45.28 -11.86 -9.70
C ASP D 236 44.11 -12.84 -9.62
N LEU D 237 43.93 -13.61 -10.69
CA LEU D 237 42.85 -14.60 -10.79
C LEU D 237 43.36 -15.92 -10.23
N VAL D 238 42.93 -16.27 -9.02
CA VAL D 238 43.42 -17.47 -8.36
C VAL D 238 42.31 -18.52 -8.31
N GLY D 239 42.61 -19.67 -7.69
CA GLY D 239 41.63 -20.72 -7.51
C GLY D 239 41.47 -21.67 -8.68
N ASN D 240 41.83 -21.27 -9.90
CA ASN D 240 41.58 -22.07 -11.09
C ASN D 240 40.11 -22.48 -11.19
N ASP D 241 39.23 -21.60 -10.68
CA ASP D 241 37.79 -21.86 -10.71
C ASP D 241 37.26 -21.66 -12.12
N ARG D 242 36.84 -20.44 -12.45
CA ARG D 242 36.42 -20.06 -13.81
C ARG D 242 35.57 -21.14 -14.48
N TRP D 243 34.64 -21.72 -13.73
CA TRP D 243 33.89 -22.88 -14.22
C TRP D 243 32.92 -22.51 -15.35
N TRP D 244 32.42 -21.27 -15.35
CA TRP D 244 31.48 -20.87 -16.39
C TRP D 244 32.14 -20.86 -17.76
N GLU D 245 33.42 -20.52 -17.82
CA GLU D 245 34.15 -20.52 -19.09
C GLU D 245 34.65 -21.94 -19.41
N ASN D 246 35.61 -22.44 -18.63
CA ASN D 246 36.14 -23.77 -18.84
C ASN D 246 35.38 -24.76 -17.97
N PRO D 247 34.55 -25.64 -18.54
CA PRO D 247 33.86 -26.63 -17.69
C PRO D 247 34.81 -27.57 -16.98
N GLU D 248 35.86 -28.02 -17.66
CA GLU D 248 36.89 -28.86 -17.05
C GLU D 248 38.01 -27.94 -16.59
N ALA D 249 37.89 -27.45 -15.35
CA ALA D 249 38.85 -26.50 -14.80
C ALA D 249 39.38 -26.97 -13.46
N GLU D 250 39.46 -28.29 -13.26
CA GLU D 250 40.08 -28.90 -12.08
C GLU D 250 39.34 -28.54 -10.79
N ALA D 251 39.04 -27.26 -10.59
CA ALA D 251 38.32 -26.81 -9.40
C ALA D 251 36.86 -27.25 -9.39
N ALA D 252 36.37 -27.85 -10.48
CA ALA D 252 35.03 -28.40 -10.53
C ALA D 252 34.98 -29.78 -9.88
N ARG D 253 33.95 -30.56 -10.19
CA ARG D 253 33.80 -31.91 -9.67
C ARG D 253 32.69 -32.67 -10.39
N LYS E . -15.08 32.43 -3.25
CA LYS E . -15.09 31.74 -1.97
C LYS E . -16.50 31.66 -1.39
O LYS E . -17.42 32.30 -1.91
CB LYS E . -14.15 32.43 -0.98
CG LYS E . -12.68 32.04 -1.12
CD LYS E . -11.86 32.59 0.04
CE LYS E . -10.56 31.80 0.22
NZ LYS E . -9.68 31.88 -0.98
OXT LYS E . -16.73 30.96 -0.41
C1 SIN F . -12.37 23.30 3.25
O1 SIN F . -12.52 23.93 4.32
O2 SIN F . -11.83 22.15 3.26
C2 SIN F . -12.86 23.89 1.93
C3 SIN F . -12.51 25.39 1.88
C4 SIN F . -12.64 25.90 0.46
O3 SIN F . -11.61 26.23 -0.19
O4 SIN F . -13.78 26.02 -0.07
O1 VVO G . -13.11 28.62 -0.60
V1 VVO G . -13.13 27.35 -1.55
CL CL H . -12.47 28.60 -3.06
N LYS I . 5.85 -0.21 35.77
CA LYS I . 5.65 0.91 34.86
C LYS I . 6.70 2.00 35.06
O LYS I . 6.63 3.07 34.46
CB LYS I . 4.23 1.50 35.03
CG LYS I . 3.13 0.58 34.53
CD LYS I . 1.82 1.33 34.33
CE LYS I . 0.84 0.48 33.53
NZ LYS I . 1.43 -0.02 32.25
OXT LYS I . 7.64 1.83 35.84
C1 SIN J . 4.57 2.60 28.33
O1 SIN J . 5.25 3.07 29.28
O2 SIN J . 3.89 1.55 28.51
C2 SIN J . 4.58 3.31 26.98
C3 SIN J . 3.43 4.31 26.94
C4 SIN J . 3.86 5.53 26.13
O3 SIN J . 3.97 6.65 26.71
O4 SIN J . 4.11 5.43 24.89
V V K . 5.22 1.03 30.17
CL CL L . 4.47 -0.61 31.14
N LYS M . -22.26 -16.94 -26.26
CA LYS M . -20.89 -16.53 -25.98
C LYS M . -20.23 -15.94 -27.23
O LYS M . -20.90 -15.63 -28.21
CB LYS M . -20.07 -17.70 -25.45
CG LYS M . -20.58 -18.30 -24.15
CD LYS M . -19.78 -19.52 -23.77
CE LYS M . -20.34 -20.17 -22.51
NZ LYS M . -20.34 -19.25 -21.35
OXT LYS M . -19.01 -15.76 -27.25
C1 SIN N . -15.94 -14.71 -21.94
O1 SIN N . -16.54 -15.12 -20.90
O2 SIN N . -16.61 -14.29 -22.92
C2 SIN N . -14.42 -14.75 -22.03
C3 SIN N . -13.81 -14.67 -20.63
C4 SIN N . -12.30 -14.50 -20.69
O3 SIN N . -11.65 -14.98 -21.66
O4 SIN N . -11.70 -13.85 -19.79
V V O . -18.45 -14.37 -22.30
CL CL P . -20.35 -15.26 -21.67
N LYS Q . 32.55 -16.47 -9.32
CA LYS Q . 31.17 -16.92 -9.39
C LYS Q . 31.06 -18.38 -8.97
O LYS Q . 32.03 -18.97 -8.47
CB LYS Q . 30.60 -16.72 -10.79
CG LYS Q . 30.70 -15.28 -11.27
CD LYS Q . 30.62 -15.21 -12.78
CE LYS Q . 30.83 -13.79 -13.27
NZ LYS Q . 29.74 -12.88 -12.84
OXT LYS Q . 30.02 -19.02 -9.11
C1 SIN R . 24.80 -14.79 -9.25
O1 SIN R . 25.21 -13.61 -9.41
O2 SIN R . 25.38 -15.56 -8.45
C2 SIN R . 23.57 -15.30 -10.03
C3 SIN R . 22.51 -14.21 -10.07
C4 SIN R . 21.12 -14.82 -9.91
O3 SIN R . 20.87 -15.96 -10.41
O4 SIN R . 20.22 -14.21 -9.27
V V S . 27.29 -14.64 -8.40
CL CL T . 28.92 -13.36 -8.44
#